data_7DJI
#
_entry.id   7DJI
#
_cell.length_a   74.373
_cell.length_b   74.373
_cell.length_c   349.595
_cell.angle_alpha   90.00
_cell.angle_beta   90.00
_cell.angle_gamma   120.00
#
_symmetry.space_group_name_H-M   'P 65'
#
loop_
_entity.id
_entity.type
_entity.pdbx_description
1 polymer 'Acetylcholine-binding protein'
2 non-polymer 'Paraherquamide A'
3 non-polymer 2-acetamido-2-deoxy-beta-D-glucopyranose
4 water water
#
_entity_poly.entity_id   1
_entity_poly.type   'polypeptide(L)'
_entity_poly.pdbx_seq_one_letter_code
;EAEAADRADILYNIRQTSRPDVIPTQRDRPVAVSVSLKFINILEVNEITNEVDVVFWQQTTWSDRTLAWNSSHSPDQVSV
PISSLWVPDLAAYNAISKPEVLTPQLARVVSDGEVLYMPSIRQRFSCDVSGVDTESGATCRIKIGSWTHHSREISVDPTT
ENSDDSEYFSQYSRFEILDVTQKKNSVTYSCCPEAYEDVEVSLNFRKKGRSEIL
;
_entity_poly.pdbx_strand_id   A,B,C,D,E
#
loop_
_chem_comp.id
_chem_comp.type
_chem_comp.name
_chem_comp.formula
H8U non-polymer 'Paraherquamide A' 'C28 H35 N3 O5'
NAG D-saccharide, beta linking 2-acetamido-2-deoxy-beta-D-glucopyranose 'C8 H15 N O6'
#
# COMPACT_ATOMS: atom_id res chain seq x y z
N ALA A 5 3.92 -7.17 38.98
CA ALA A 5 3.43 -6.64 37.67
C ALA A 5 3.62 -7.70 36.58
N ASP A 6 2.65 -7.82 35.68
CA ASP A 6 2.73 -8.71 34.49
C ASP A 6 3.01 -7.84 33.25
N ARG A 7 3.17 -8.48 32.10
CA ARG A 7 3.62 -7.81 30.83
C ARG A 7 2.58 -6.76 30.43
N ALA A 8 1.30 -7.01 30.70
CA ALA A 8 0.17 -6.10 30.37
C ALA A 8 0.29 -4.80 31.16
N ASP A 9 0.55 -4.87 32.47
CA ASP A 9 0.65 -3.68 33.37
C ASP A 9 1.81 -2.80 32.90
N ILE A 10 2.94 -3.41 32.53
CA ILE A 10 4.14 -2.69 32.01
C ILE A 10 3.77 -1.94 30.73
N LEU A 11 3.07 -2.59 29.81
CA LEU A 11 2.61 -1.97 28.53
C LEU A 11 1.66 -0.81 28.84
N TYR A 12 0.70 -1.01 29.75
CA TYR A 12 -0.34 -0.01 30.07
C TYR A 12 0.32 1.21 30.75
N ASN A 13 1.35 0.98 31.56
CA ASN A 13 2.13 2.08 32.19
C ASN A 13 2.85 2.88 31.10
N ILE A 14 3.40 2.20 30.10
CA ILE A 14 4.10 2.83 28.95
C ILE A 14 3.09 3.66 28.14
N ARG A 15 1.87 3.15 27.95
CA ARG A 15 0.82 3.80 27.11
C ARG A 15 0.26 5.06 27.78
N GLN A 16 0.26 5.12 29.12
CA GLN A 16 -0.22 6.30 29.90
C GLN A 16 0.91 7.34 30.03
N THR A 17 2.16 6.94 29.74
CA THR A 17 3.38 7.74 30.01
C THR A 17 4.05 8.14 28.70
N SER A 18 4.35 7.19 27.83
CA SER A 18 4.97 7.44 26.50
C SER A 18 3.98 8.17 25.60
N ARG A 19 4.48 9.13 24.82
CA ARG A 19 3.73 9.88 23.80
C ARG A 19 4.48 9.77 22.47
N PRO A 20 3.96 8.98 21.50
CA PRO A 20 4.62 8.81 20.21
C PRO A 20 5.11 10.11 19.55
N ASP A 21 4.40 11.23 19.76
CA ASP A 21 4.61 12.52 19.05
C ASP A 21 5.35 13.53 19.93
N VAL A 22 5.83 13.13 21.11
CA VAL A 22 6.55 14.01 22.07
C VAL A 22 7.93 13.42 22.38
N ILE A 23 9.01 14.11 21.99
CA ILE A 23 10.41 13.67 22.23
C ILE A 23 10.65 13.66 23.75
N PRO A 24 11.14 12.54 24.33
CA PRO A 24 11.37 12.45 25.77
C PRO A 24 12.71 13.02 26.25
N THR A 25 12.90 14.34 26.13
CA THR A 25 14.09 15.08 26.62
C THR A 25 13.95 15.30 28.12
N GLN A 26 15.08 15.35 28.83
CA GLN A 26 15.19 15.80 30.23
C GLN A 26 15.78 17.22 30.24
N ARG A 27 15.03 18.19 30.79
CA ARG A 27 15.39 19.64 30.85
C ARG A 27 15.72 20.14 29.44
N ASP A 28 16.91 20.73 29.25
CA ASP A 28 17.32 21.41 28.00
C ASP A 28 18.13 20.46 27.11
N ARG A 29 18.35 19.22 27.57
CA ARG A 29 19.37 18.29 27.03
C ARG A 29 18.76 17.37 25.97
N PRO A 30 19.57 16.88 25.00
CA PRO A 30 19.07 16.02 23.94
C PRO A 30 18.86 14.55 24.37
N VAL A 31 17.99 13.85 23.64
CA VAL A 31 17.90 12.35 23.68
C VAL A 31 19.14 11.81 22.97
N ALA A 32 20.02 11.12 23.71
CA ALA A 32 21.23 10.48 23.14
C ALA A 32 20.80 9.20 22.41
N VAL A 33 20.78 9.25 21.08
CA VAL A 33 20.41 8.09 20.21
C VAL A 33 21.71 7.42 19.73
N SER A 34 21.82 6.11 19.89
CA SER A 34 22.88 5.26 19.30
C SER A 34 22.32 4.66 18.00
N VAL A 35 23.09 4.77 16.92
CA VAL A 35 22.73 4.26 15.57
C VAL A 35 23.93 3.48 15.03
N SER A 36 23.72 2.23 14.63
CA SER A 36 24.71 1.44 13.86
C SER A 36 23.97 0.61 12.83
N LEU A 37 24.48 0.56 11.60
CA LEU A 37 23.99 -0.35 10.54
C LEU A 37 24.75 -1.68 10.65
N LYS A 38 24.02 -2.79 10.55
CA LYS A 38 24.59 -4.16 10.48
C LYS A 38 24.18 -4.74 9.13
N PHE A 39 25.12 -4.87 8.20
CA PHE A 39 24.85 -5.26 6.80
C PHE A 39 24.59 -6.76 6.74
N ILE A 40 23.43 -7.13 6.18
CA ILE A 40 22.96 -8.53 6.02
C ILE A 40 23.15 -8.96 4.57
N ASN A 41 22.91 -8.06 3.61
CA ASN A 41 22.99 -8.41 2.16
C ASN A 41 23.27 -7.17 1.32
N ILE A 42 23.93 -7.39 0.19
CA ILE A 42 24.06 -6.44 -0.97
C ILE A 42 23.50 -7.17 -2.19
N LEU A 43 22.37 -6.69 -2.73
CA LEU A 43 21.51 -7.47 -3.67
C LEU A 43 21.75 -7.02 -5.11
N GLU A 44 21.76 -5.71 -5.35
CA GLU A 44 21.93 -5.14 -6.71
C GLU A 44 22.88 -3.95 -6.63
N VAL A 45 23.90 -3.95 -7.49
CA VAL A 45 24.93 -2.89 -7.61
C VAL A 45 24.93 -2.44 -9.07
N ASN A 46 25.17 -1.15 -9.30
CA ASN A 46 25.24 -0.56 -10.66
C ASN A 46 26.31 0.53 -10.64
N GLU A 47 27.48 0.25 -11.22
CA GLU A 47 28.65 1.15 -11.22
C GLU A 47 28.41 2.32 -12.19
N ILE A 48 27.54 2.15 -13.19
CA ILE A 48 27.20 3.22 -14.19
C ILE A 48 26.32 4.27 -13.49
N THR A 49 25.23 3.85 -12.83
CA THR A 49 24.26 4.76 -12.15
C THR A 49 24.71 5.12 -10.73
N ASN A 50 25.70 4.42 -10.16
CA ASN A 50 26.13 4.59 -8.75
C ASN A 50 24.91 4.36 -7.83
N GLU A 51 24.26 3.21 -7.98
CA GLU A 51 23.10 2.81 -7.15
C GLU A 51 23.34 1.42 -6.57
N VAL A 52 23.00 1.24 -5.29
CA VAL A 52 23.13 -0.05 -4.55
C VAL A 52 21.78 -0.36 -3.89
N ASP A 53 21.42 -1.65 -3.87
CA ASP A 53 20.29 -2.22 -3.11
C ASP A 53 20.91 -3.02 -1.95
N VAL A 54 20.60 -2.67 -0.69
CA VAL A 54 21.22 -3.30 0.52
C VAL A 54 20.14 -3.63 1.56
N VAL A 55 20.35 -4.72 2.30
CA VAL A 55 19.57 -5.13 3.50
C VAL A 55 20.48 -4.94 4.72
N PHE A 56 20.01 -4.23 5.74
CA PHE A 56 20.77 -3.95 6.97
C PHE A 56 19.82 -3.81 8.17
N TRP A 57 20.34 -4.07 9.36
CA TRP A 57 19.65 -3.70 10.62
C TRP A 57 20.02 -2.25 10.95
N GLN A 58 19.02 -1.39 11.09
CA GLN A 58 19.19 -0.01 11.60
C GLN A 58 19.04 -0.10 13.12
N GLN A 59 20.14 -0.41 13.81
CA GLN A 59 20.16 -0.67 15.27
C GLN A 59 20.09 0.68 15.98
N THR A 60 18.94 0.96 16.60
CA THR A 60 18.60 2.28 17.21
C THR A 60 18.28 2.06 18.70
N THR A 61 19.12 2.57 19.59
CA THR A 61 18.91 2.49 21.06
C THR A 61 18.90 3.92 21.63
N TRP A 62 18.08 4.14 22.65
CA TRP A 62 17.99 5.41 23.43
C TRP A 62 17.32 5.09 24.76
N SER A 63 17.25 6.06 25.65
CA SER A 63 16.69 5.91 27.02
C SER A 63 15.50 6.85 27.20
N ASP A 64 14.46 6.38 27.89
CA ASP A 64 13.32 7.21 28.35
C ASP A 64 13.00 6.76 29.78
N ARG A 65 13.56 7.46 30.77
CA ARG A 65 13.52 7.03 32.20
C ARG A 65 12.10 7.19 32.77
N THR A 66 11.19 7.84 32.05
CA THR A 66 9.75 7.96 32.44
C THR A 66 9.08 6.58 32.30
N LEU A 67 9.64 5.68 31.48
CA LEU A 67 9.06 4.34 31.17
C LEU A 67 9.50 3.32 32.22
N ALA A 68 10.49 3.64 33.06
CA ALA A 68 11.19 2.65 33.92
C ALA A 68 10.20 2.07 34.93
N TRP A 69 10.42 0.80 35.33
CA TRP A 69 9.60 0.12 36.37
C TRP A 69 10.49 -0.79 37.22
N ASN A 70 9.93 -1.30 38.32
CA ASN A 70 10.59 -2.22 39.28
C ASN A 70 10.47 -3.66 38.76
N SER A 71 11.62 -4.26 38.39
CA SER A 71 11.68 -5.59 37.74
C SER A 71 12.12 -6.70 38.72
N SER A 72 12.30 -6.38 40.01
CA SER A 72 12.78 -7.33 41.05
C SER A 72 11.86 -8.56 41.07
N HIS A 73 10.53 -8.34 41.06
CA HIS A 73 9.49 -9.40 41.02
C HIS A 73 8.55 -9.20 39.84
N SER A 74 9.07 -8.65 38.73
CA SER A 74 8.35 -8.43 37.45
C SER A 74 9.31 -8.70 36.29
N PRO A 75 8.79 -8.96 35.07
CA PRO A 75 9.65 -9.13 33.89
C PRO A 75 10.60 -7.95 33.68
N ASP A 76 11.87 -8.22 33.36
CA ASP A 76 12.94 -7.22 33.17
C ASP A 76 12.71 -6.44 31.87
N GLN A 77 12.09 -7.07 30.87
CA GLN A 77 11.91 -6.51 29.51
C GLN A 77 10.54 -6.91 28.94
N VAL A 78 10.02 -6.11 28.01
CA VAL A 78 8.83 -6.45 27.19
C VAL A 78 9.09 -6.01 25.75
N SER A 79 8.52 -6.73 24.80
CA SER A 79 8.36 -6.28 23.39
C SER A 79 7.10 -5.42 23.31
N VAL A 80 7.22 -4.24 22.69
CA VAL A 80 6.15 -3.21 22.58
C VAL A 80 6.07 -2.75 21.13
N PRO A 81 4.86 -2.59 20.56
CA PRO A 81 4.72 -2.04 19.20
C PRO A 81 5.18 -0.59 19.21
N ILE A 82 5.86 -0.14 18.15
CA ILE A 82 6.51 1.19 18.09
C ILE A 82 5.46 2.31 18.08
N SER A 83 4.20 2.00 17.72
CA SER A 83 3.06 2.96 17.74
C SER A 83 2.69 3.35 19.19
N SER A 84 3.16 2.60 20.19
CA SER A 84 2.98 2.93 21.63
C SER A 84 4.13 3.80 22.16
N LEU A 85 5.14 4.08 21.33
CA LEU A 85 6.43 4.68 21.76
C LEU A 85 6.79 5.89 20.90
N TRP A 86 7.48 6.87 21.48
CA TRP A 86 8.29 7.84 20.70
C TRP A 86 9.47 7.06 20.12
N VAL A 87 9.74 7.28 18.83
CA VAL A 87 10.88 6.67 18.08
C VAL A 87 11.61 7.82 17.37
N PRO A 88 12.96 7.79 17.28
CA PRO A 88 13.69 8.80 16.54
C PRO A 88 13.22 8.92 15.08
N ASP A 89 13.07 10.15 14.57
CA ASP A 89 12.67 10.43 13.17
C ASP A 89 13.92 10.36 12.27
N LEU A 90 14.59 9.21 12.25
CA LEU A 90 15.88 9.05 11.51
C LEU A 90 15.56 8.90 10.02
N ALA A 91 16.36 9.53 9.16
CA ALA A 91 16.34 9.33 7.70
C ALA A 91 17.75 9.04 7.22
N ALA A 92 17.87 8.12 6.26
CA ALA A 92 19.09 7.87 5.48
C ALA A 92 19.13 8.92 4.36
N TYR A 93 19.99 9.92 4.51
CA TYR A 93 19.97 11.19 3.74
C TYR A 93 20.18 10.90 2.24
N ASN A 94 20.98 9.88 1.88
CA ASN A 94 21.31 9.57 0.46
C ASN A 94 20.50 8.37 -0.05
N ALA A 95 19.40 8.04 0.62
CA ALA A 95 18.45 7.00 0.15
C ALA A 95 17.66 7.55 -1.04
N ILE A 96 17.31 6.67 -1.97
CA ILE A 96 16.53 7.00 -3.19
C ILE A 96 15.30 6.08 -3.28
N SER A 97 15.08 5.23 -2.28
CA SER A 97 13.84 4.44 -2.13
C SER A 97 13.32 4.60 -0.69
N LYS A 98 12.01 4.46 -0.51
CA LYS A 98 11.33 4.34 0.80
C LYS A 98 11.95 3.14 1.54
N PRO A 99 12.18 3.22 2.87
CA PRO A 99 12.63 2.06 3.64
C PRO A 99 11.59 0.93 3.54
N GLU A 100 11.99 -0.24 3.01
CA GLU A 100 11.16 -1.47 3.03
C GLU A 100 11.50 -2.21 4.34
N VAL A 101 10.67 -2.04 5.37
CA VAL A 101 10.88 -2.71 6.68
C VAL A 101 10.44 -4.16 6.53
N LEU A 102 11.36 -5.12 6.72
CA LEU A 102 11.12 -6.57 6.45
C LEU A 102 10.56 -7.26 7.70
N THR A 103 10.66 -6.64 8.88
CA THR A 103 10.53 -7.30 10.20
C THR A 103 9.33 -6.74 10.98
N PRO A 104 8.77 -7.50 11.96
CA PRO A 104 7.74 -6.98 12.85
C PRO A 104 8.19 -5.66 13.49
N GLN A 105 7.29 -4.67 13.55
CA GLN A 105 7.59 -3.31 14.06
C GLN A 105 7.44 -3.29 15.59
N LEU A 106 8.31 -4.02 16.29
CA LEU A 106 8.34 -4.11 17.77
C LEU A 106 9.67 -3.60 18.29
N ALA A 107 9.63 -2.79 19.35
CA ALA A 107 10.80 -2.36 20.14
C ALA A 107 10.89 -3.23 21.40
N ARG A 108 12.11 -3.46 21.89
CA ARG A 108 12.36 -4.09 23.21
C ARG A 108 12.53 -2.95 24.22
N VAL A 109 11.71 -2.93 25.28
CA VAL A 109 11.81 -1.93 26.37
C VAL A 109 12.29 -2.64 27.63
N VAL A 110 13.35 -2.10 28.24
CA VAL A 110 14.03 -2.64 29.46
C VAL A 110 13.53 -1.83 30.66
N SER A 111 13.49 -2.45 31.84
CA SER A 111 12.89 -1.89 33.09
C SER A 111 13.61 -0.61 33.53
N ASP A 112 14.86 -0.39 33.11
CA ASP A 112 15.62 0.86 33.40
C ASP A 112 15.28 1.95 32.36
N GLY A 113 14.40 1.67 31.40
CA GLY A 113 13.86 2.68 30.44
C GLY A 113 14.64 2.72 29.14
N GLU A 114 15.58 1.81 28.89
CA GLU A 114 16.27 1.66 27.59
C GLU A 114 15.27 1.09 26.58
N VAL A 115 15.29 1.63 25.35
CA VAL A 115 14.48 1.15 24.18
C VAL A 115 15.45 0.70 23.09
N LEU A 116 15.24 -0.52 22.56
CA LEU A 116 16.01 -1.11 21.44
C LEU A 116 15.04 -1.38 20.28
N TYR A 117 15.11 -0.54 19.25
CA TYR A 117 14.36 -0.68 17.98
C TYR A 117 15.35 -1.05 16.86
N MET A 118 15.26 -2.28 16.34
CA MET A 118 16.27 -2.85 15.41
C MET A 118 15.57 -3.42 14.18
N PRO A 119 14.94 -2.58 13.34
CA PRO A 119 14.30 -3.08 12.11
C PRO A 119 15.36 -3.55 11.10
N SER A 120 15.09 -4.62 10.37
CA SER A 120 15.81 -5.00 9.14
C SER A 120 15.15 -4.27 7.97
N ILE A 121 15.96 -3.53 7.21
CA ILE A 121 15.48 -2.62 6.12
C ILE A 121 16.20 -3.01 4.82
N ARG A 122 15.44 -3.16 3.74
CA ARG A 122 15.97 -3.16 2.35
C ARG A 122 15.73 -1.76 1.79
N GLN A 123 16.77 -1.12 1.27
CA GLN A 123 16.72 0.29 0.82
C GLN A 123 17.78 0.52 -0.26
N ARG A 124 17.46 1.34 -1.27
CA ARG A 124 18.39 1.70 -2.36
CA ARG A 124 18.39 1.71 -2.37
C ARG A 124 19.06 3.05 -2.04
N PHE A 125 20.34 3.19 -2.37
CA PHE A 125 21.17 4.37 -2.05
C PHE A 125 21.88 4.85 -3.32
N SER A 126 22.02 6.17 -3.42
CA SER A 126 22.97 6.89 -4.31
C SER A 126 24.28 7.04 -3.56
N CYS A 127 25.34 6.40 -4.02
CA CYS A 127 26.67 6.43 -3.36
C CYS A 127 27.74 5.93 -4.35
N ASP A 128 29.01 6.03 -3.97
CA ASP A 128 30.19 5.73 -4.82
C ASP A 128 30.34 4.20 -4.99
N VAL A 129 30.01 3.68 -6.17
CA VAL A 129 30.11 2.23 -6.54
C VAL A 129 31.37 1.99 -7.37
N SER A 130 32.18 3.01 -7.62
CA SER A 130 33.38 2.90 -8.50
C SER A 130 34.41 1.97 -7.85
N GLY A 131 34.98 1.05 -8.64
CA GLY A 131 36.02 0.09 -8.23
C GLY A 131 35.48 -1.16 -7.54
N VAL A 132 34.17 -1.41 -7.65
CA VAL A 132 33.49 -2.53 -6.95
C VAL A 132 34.02 -3.88 -7.45
N ASP A 133 34.45 -3.95 -8.71
CA ASP A 133 34.95 -5.21 -9.36
C ASP A 133 36.48 -5.30 -9.27
N THR A 134 37.09 -4.61 -8.30
CA THR A 134 38.57 -4.57 -8.08
C THR A 134 38.90 -5.05 -6.67
N GLU A 135 40.19 -5.21 -6.37
CA GLU A 135 40.73 -5.68 -5.06
C GLU A 135 40.43 -4.65 -3.96
N SER A 136 40.49 -3.36 -4.28
CA SER A 136 40.20 -2.24 -3.34
C SER A 136 38.69 -2.19 -3.03
N GLY A 137 37.85 -2.54 -4.01
CA GLY A 137 36.38 -2.48 -3.90
C GLY A 137 35.87 -1.05 -3.97
N ALA A 138 34.55 -0.88 -3.86
CA ALA A 138 33.88 0.44 -3.73
C ALA A 138 33.75 0.81 -2.25
N THR A 139 33.66 2.11 -1.96
CA THR A 139 33.30 2.63 -0.62
C THR A 139 32.02 3.46 -0.75
N CYS A 140 30.88 2.83 -0.47
CA CYS A 140 29.52 3.43 -0.40
C CYS A 140 29.33 4.05 1.00
N ARG A 141 29.20 5.38 1.08
CA ARG A 141 28.97 6.11 2.34
C ARG A 141 27.47 6.42 2.51
N ILE A 142 26.86 5.91 3.59
CA ILE A 142 25.44 6.15 3.99
C ILE A 142 25.43 7.03 5.24
N LYS A 143 24.70 8.15 5.20
CA LYS A 143 24.55 9.10 6.34
C LYS A 143 23.14 8.97 6.92
N ILE A 144 23.04 8.78 8.24
CA ILE A 144 21.76 8.65 9.00
C ILE A 144 21.69 9.76 10.05
N GLY A 145 20.54 10.43 10.13
CA GLY A 145 20.30 11.48 11.14
C GLY A 145 18.82 11.79 11.26
N SER A 146 18.46 12.60 12.26
CA SER A 146 17.08 13.09 12.51
C SER A 146 16.66 13.99 11.35
N TRP A 147 15.41 13.87 10.89
CA TRP A 147 14.89 14.74 9.81
C TRP A 147 14.56 16.14 10.35
N THR A 148 14.09 16.25 11.59
CA THR A 148 13.47 17.49 12.13
C THR A 148 14.04 17.92 13.48
N HIS A 149 14.94 17.16 14.11
CA HIS A 149 15.50 17.48 15.45
C HIS A 149 16.99 17.82 15.34
N HIS A 150 17.34 19.06 15.70
CA HIS A 150 18.75 19.55 15.80
C HIS A 150 19.43 18.95 17.05
N SER A 151 20.71 19.26 17.25
CA SER A 151 21.66 18.55 18.15
C SER A 151 21.32 18.75 19.63
N ARG A 152 20.57 19.81 19.96
CA ARG A 152 20.13 20.07 21.36
C ARG A 152 18.86 19.26 21.67
N GLU A 153 18.27 18.58 20.68
CA GLU A 153 17.08 17.73 20.87
C GLU A 153 17.42 16.25 20.66
N ILE A 154 18.20 15.93 19.62
CA ILE A 154 18.67 14.56 19.31
C ILE A 154 20.17 14.62 18.98
N SER A 155 20.99 13.88 19.74
CA SER A 155 22.39 13.55 19.36
C SER A 155 22.40 12.12 18.80
N VAL A 156 23.19 11.87 17.76
CA VAL A 156 23.43 10.49 17.24
C VAL A 156 24.90 10.15 17.47
N ASP A 157 25.18 8.90 17.81
CA ASP A 157 26.56 8.35 17.98
C ASP A 157 26.57 6.91 17.49
N PRO A 158 27.66 6.45 16.84
CA PRO A 158 27.79 5.03 16.48
C PRO A 158 27.85 4.16 17.74
N THR A 159 27.22 2.99 17.69
CA THR A 159 27.27 1.94 18.75
C THR A 159 28.74 1.61 19.04
N THR A 160 29.05 1.26 20.29
CA THR A 160 30.41 1.26 20.89
C THR A 160 31.32 0.19 20.24
N GLU A 161 30.75 -0.77 19.49
CA GLU A 161 31.53 -1.91 18.92
C GLU A 161 30.83 -2.49 17.67
N ASN A 162 31.56 -2.50 16.54
CA ASN A 162 31.34 -3.41 15.39
C ASN A 162 32.05 -4.74 15.71
N SER A 163 31.37 -5.63 16.44
CA SER A 163 31.86 -6.98 16.86
C SER A 163 32.65 -7.61 15.71
N ASP A 164 32.02 -7.68 14.54
CA ASP A 164 32.62 -8.12 13.25
C ASP A 164 31.78 -7.51 12.12
N ASP A 165 32.43 -7.11 11.02
CA ASP A 165 31.79 -6.38 9.88
C ASP A 165 30.90 -7.36 9.10
N SER A 166 31.40 -8.57 8.82
CA SER A 166 30.72 -9.60 7.99
C SER A 166 29.94 -10.60 8.87
N GLU A 167 29.87 -10.35 10.18
CA GLU A 167 29.32 -11.30 11.21
C GLU A 167 28.05 -11.98 10.69
N TYR A 168 27.05 -11.19 10.27
CA TYR A 168 25.70 -11.68 9.85
C TYR A 168 25.46 -11.37 8.37
N PHE A 169 26.53 -11.18 7.59
CA PHE A 169 26.43 -10.89 6.13
C PHE A 169 26.21 -12.20 5.37
N SER A 170 25.26 -12.21 4.43
CA SER A 170 24.88 -13.39 3.60
C SER A 170 26.10 -13.86 2.80
N GLN A 171 26.48 -15.12 2.98
CA GLN A 171 27.59 -15.78 2.23
C GLN A 171 27.14 -16.04 0.78
N TYR A 172 25.87 -15.79 0.46
CA TYR A 172 25.25 -16.10 -0.86
C TYR A 172 25.14 -14.83 -1.73
N SER A 173 25.46 -13.66 -1.17
CA SER A 173 25.60 -12.39 -1.93
C SER A 173 26.71 -12.55 -2.98
N ARG A 174 26.56 -11.90 -4.14
CA ARG A 174 27.62 -11.80 -5.18
C ARG A 174 28.80 -10.99 -4.61
N PHE A 175 28.57 -10.23 -3.53
CA PHE A 175 29.52 -9.25 -2.95
C PHE A 175 30.02 -9.72 -1.58
N GLU A 176 31.14 -9.14 -1.13
CA GLU A 176 31.73 -9.36 0.22
C GLU A 176 32.12 -8.01 0.81
N ILE A 177 32.09 -7.90 2.14
CA ILE A 177 32.44 -6.68 2.91
C ILE A 177 33.93 -6.78 3.29
N LEU A 178 34.71 -5.76 2.94
CA LEU A 178 36.15 -5.66 3.30
C LEU A 178 36.30 -4.90 4.63
N ASP A 179 35.44 -3.91 4.87
CA ASP A 179 35.49 -3.06 6.10
C ASP A 179 34.21 -2.23 6.22
N VAL A 180 33.82 -1.92 7.46
CA VAL A 180 32.74 -0.95 7.80
C VAL A 180 33.30 -0.03 8.90
N THR A 181 33.30 1.28 8.65
CA THR A 181 33.64 2.32 9.64
C THR A 181 32.40 3.20 9.86
N GLN A 182 32.17 3.63 11.10
CA GLN A 182 31.00 4.43 11.51
C GLN A 182 31.48 5.59 12.37
N LYS A 183 31.41 6.83 11.84
CA LYS A 183 31.86 8.06 12.55
C LYS A 183 30.69 9.05 12.67
N LYS A 184 30.78 9.94 13.65
CA LYS A 184 29.77 10.98 13.98
C LYS A 184 30.18 12.30 13.31
N ASN A 185 29.21 13.06 12.81
CA ASN A 185 29.40 14.44 12.28
C ASN A 185 28.38 15.39 12.94
N SER A 186 28.82 16.62 13.20
CA SER A 186 27.99 17.77 13.65
C SER A 186 28.12 18.88 12.61
N VAL A 187 27.04 19.19 11.89
CA VAL A 187 27.07 20.11 10.72
C VAL A 187 26.01 21.20 10.90
N THR A 188 26.41 22.46 10.69
CA THR A 188 25.52 23.64 10.55
C THR A 188 25.24 23.84 9.05
N TYR A 189 23.95 23.91 8.69
CA TYR A 189 23.45 24.09 7.29
C TYR A 189 22.81 25.48 7.16
N SER A 190 22.69 25.94 5.91
CA SER A 190 22.17 27.27 5.51
C SER A 190 20.73 27.48 6.01
N CYS A 191 19.92 26.42 6.12
CA CYS A 191 18.48 26.49 6.51
C CYS A 191 18.34 27.11 7.91
N CYS A 192 19.20 26.70 8.85
CA CYS A 192 18.92 26.69 10.31
C CYS A 192 20.14 27.14 11.10
N PRO A 193 19.96 27.81 12.27
CA PRO A 193 21.09 28.24 13.10
C PRO A 193 21.72 27.14 13.97
N GLU A 194 20.97 26.07 14.25
CA GLU A 194 21.38 24.98 15.19
C GLU A 194 22.07 23.88 14.39
N ALA A 195 23.10 23.25 14.96
CA ALA A 195 23.84 22.12 14.34
C ALA A 195 22.96 20.87 14.35
N TYR A 196 22.97 20.11 13.26
CA TYR A 196 22.36 18.76 13.14
C TYR A 196 23.48 17.72 13.22
N GLU A 197 23.16 16.54 13.74
CA GLU A 197 24.13 15.43 13.91
C GLU A 197 23.74 14.30 12.96
N ASP A 198 24.73 13.53 12.50
CA ASP A 198 24.52 12.36 11.62
C ASP A 198 25.59 11.32 11.93
N VAL A 199 25.30 10.05 11.63
CA VAL A 199 26.30 8.95 11.61
C VAL A 199 26.57 8.61 10.15
N GLU A 200 27.83 8.72 9.74
CA GLU A 200 28.31 8.35 8.38
C GLU A 200 28.86 6.92 8.44
N VAL A 201 28.19 6.00 7.75
CA VAL A 201 28.61 4.58 7.62
C VAL A 201 29.27 4.40 6.25
N SER A 202 30.57 4.06 6.26
CA SER A 202 31.38 3.78 5.05
C SER A 202 31.47 2.26 4.88
N LEU A 203 30.82 1.75 3.83
CA LEU A 203 30.76 0.31 3.48
C LEU A 203 31.76 0.06 2.36
N ASN A 204 32.93 -0.49 2.69
CA ASN A 204 33.98 -0.94 1.75
C ASN A 204 33.67 -2.38 1.37
N PHE A 205 33.22 -2.62 0.14
CA PHE A 205 32.76 -3.94 -0.36
C PHE A 205 33.27 -4.15 -1.79
N ARG A 206 33.26 -5.40 -2.26
CA ARG A 206 33.70 -5.78 -3.62
C ARG A 206 32.98 -7.06 -4.08
N LYS A 207 32.91 -7.25 -5.39
CA LYS A 207 32.41 -8.50 -6.04
C LYS A 207 33.39 -9.64 -5.75
N LYS A 208 32.87 -10.80 -5.34
CA LYS A 208 33.65 -12.02 -5.01
C LYS A 208 34.22 -12.62 -6.30
N GLY A 209 35.37 -13.31 -6.19
CA GLY A 209 36.07 -13.94 -7.32
C GLY A 209 36.86 -15.16 -6.90
N ALA B 5 3.76 24.66 28.97
CA ALA B 5 4.87 24.60 29.97
C ALA B 5 5.96 23.61 29.53
N ASP B 6 5.60 22.58 28.75
CA ASP B 6 6.56 21.59 28.16
C ASP B 6 6.04 21.14 26.79
N ARG B 7 6.82 20.30 26.08
CA ARG B 7 6.52 19.85 24.69
C ARG B 7 5.17 19.11 24.68
N ALA B 8 4.90 18.29 25.69
CA ALA B 8 3.63 17.53 25.84
C ALA B 8 2.45 18.50 25.78
N ASP B 9 2.47 19.52 26.63
CA ASP B 9 1.44 20.59 26.69
C ASP B 9 1.22 21.20 25.30
N ILE B 10 2.29 21.55 24.58
CA ILE B 10 2.23 22.24 23.24
C ILE B 10 1.55 21.32 22.22
N LEU B 11 1.88 20.02 22.23
CA LEU B 11 1.30 19.01 21.31
C LEU B 11 -0.18 18.80 21.65
N TYR B 12 -0.56 18.86 22.93
CA TYR B 12 -1.97 18.73 23.39
C TYR B 12 -2.79 19.94 22.93
N ASN B 13 -2.25 21.15 23.15
CA ASN B 13 -2.88 22.44 22.79
C ASN B 13 -2.99 22.55 21.26
N ILE B 14 -1.98 22.07 20.52
CA ILE B 14 -2.04 22.00 19.03
C ILE B 14 -3.21 21.10 18.64
N ARG B 15 -3.37 19.95 19.29
CA ARG B 15 -4.40 18.93 18.97
C ARG B 15 -5.80 19.42 19.35
N GLN B 16 -5.92 20.54 20.07
CA GLN B 16 -7.21 21.10 20.57
C GLN B 16 -7.74 22.17 19.60
N THR B 17 -6.85 22.89 18.91
CA THR B 17 -7.20 24.07 18.06
C THR B 17 -6.95 23.76 16.57
N SER B 18 -5.99 22.90 16.25
CA SER B 18 -5.65 22.49 14.86
C SER B 18 -6.83 21.70 14.25
N ARG B 19 -7.24 22.11 13.05
CA ARG B 19 -8.29 21.44 12.22
C ARG B 19 -7.64 21.05 10.90
N PRO B 20 -7.13 19.80 10.77
CA PRO B 20 -6.38 19.40 9.59
C PRO B 20 -7.14 19.53 8.25
N ASP B 21 -8.48 19.57 8.27
CA ASP B 21 -9.33 19.62 7.05
C ASP B 21 -9.90 21.03 6.84
N VAL B 22 -9.42 22.02 7.60
CA VAL B 22 -9.85 23.45 7.53
C VAL B 22 -8.64 24.32 7.17
N ILE B 23 -8.68 24.98 6.01
CA ILE B 23 -7.59 25.91 5.56
C ILE B 23 -7.56 27.09 6.53
N PRO B 24 -6.40 27.39 7.17
CA PRO B 24 -6.31 28.42 8.20
C PRO B 24 -6.08 29.83 7.63
N THR B 25 -7.07 30.38 6.92
CA THR B 25 -7.04 31.76 6.38
C THR B 25 -7.28 32.76 7.52
N GLN B 26 -6.56 33.89 7.49
CA GLN B 26 -6.77 35.08 8.36
C GLN B 26 -7.50 36.14 7.53
N ARG B 27 -8.58 36.71 8.09
CA ARG B 27 -9.56 37.57 7.35
C ARG B 27 -10.14 36.73 6.21
N ASP B 28 -10.50 37.37 5.08
CA ASP B 28 -10.75 36.69 3.79
C ASP B 28 -9.47 36.74 2.93
N ARG B 29 -8.29 36.63 3.57
CA ARG B 29 -6.98 36.66 2.87
C ARG B 29 -6.54 35.23 2.61
N PRO B 30 -5.77 34.97 1.53
CA PRO B 30 -5.27 33.63 1.24
C PRO B 30 -4.19 33.23 2.24
N VAL B 31 -3.98 31.92 2.41
CA VAL B 31 -2.78 31.37 3.12
C VAL B 31 -1.60 31.48 2.15
N ALA B 32 -0.56 32.21 2.55
CA ALA B 32 0.67 32.45 1.77
C ALA B 32 1.60 31.25 1.95
N VAL B 33 1.64 30.37 0.95
CA VAL B 33 2.49 29.15 0.96
C VAL B 33 3.75 29.44 0.13
N SER B 34 4.92 29.39 0.76
CA SER B 34 6.23 29.39 0.07
C SER B 34 6.56 27.97 -0.35
N VAL B 35 6.77 27.75 -1.66
CA VAL B 35 7.24 26.46 -2.24
C VAL B 35 8.56 26.72 -2.99
N SER B 36 9.59 25.93 -2.68
CA SER B 36 10.86 25.87 -3.43
C SER B 36 11.33 24.42 -3.46
N LEU B 37 11.79 23.94 -4.61
CA LEU B 37 12.38 22.59 -4.74
C LEU B 37 13.91 22.70 -4.58
N LYS B 38 14.50 21.83 -3.78
CA LYS B 38 15.96 21.65 -3.67
C LYS B 38 16.29 20.27 -4.26
N PHE B 39 16.98 20.23 -5.39
CA PHE B 39 17.22 18.97 -6.14
C PHE B 39 18.37 18.21 -5.47
N ILE B 40 18.09 16.97 -5.09
CA ILE B 40 19.07 16.05 -4.45
C ILE B 40 19.63 15.10 -5.52
N ASN B 41 18.82 14.67 -6.48
CA ASN B 41 19.25 13.65 -7.45
C ASN B 41 18.38 13.65 -8.70
N ILE B 42 18.98 13.20 -9.82
CA ILE B 42 18.32 12.84 -11.10
C ILE B 42 18.76 11.42 -11.43
N LEU B 43 17.83 10.46 -11.48
CA LEU B 43 18.13 9.01 -11.35
C LEU B 43 17.94 8.30 -12.69
N GLU B 44 16.83 8.58 -13.37
CA GLU B 44 16.44 7.91 -14.64
C GLU B 44 15.89 9.02 -15.56
N VAL B 45 16.47 9.11 -16.75
CA VAL B 45 16.15 10.11 -17.78
C VAL B 45 15.90 9.33 -19.06
N ASN B 46 14.83 9.64 -19.77
CA ASN B 46 14.48 8.99 -21.06
C ASN B 46 14.07 10.09 -22.05
N GLU B 47 14.96 10.40 -22.99
CA GLU B 47 14.77 11.46 -24.02
C GLU B 47 13.66 11.03 -25.00
N ILE B 48 13.47 9.73 -25.21
CA ILE B 48 12.49 9.17 -26.18
C ILE B 48 11.07 9.34 -25.59
N THR B 49 10.87 9.00 -24.32
CA THR B 49 9.54 9.08 -23.63
C THR B 49 9.33 10.46 -22.99
N ASN B 50 10.35 11.32 -22.98
CA ASN B 50 10.32 12.64 -22.28
C ASN B 50 9.87 12.44 -20.81
N GLU B 51 10.56 11.55 -20.09
CA GLU B 51 10.28 11.25 -18.66
C GLU B 51 11.59 11.32 -17.86
N VAL B 52 11.49 11.86 -16.64
CA VAL B 52 12.62 12.02 -15.68
C VAL B 52 12.16 11.55 -14.30
N ASP B 53 13.05 10.85 -13.59
CA ASP B 53 12.90 10.42 -12.17
C ASP B 53 13.81 11.35 -11.37
N VAL B 54 13.25 12.15 -10.47
CA VAL B 54 14.00 13.16 -9.67
C VAL B 54 13.72 12.96 -8.18
N VAL B 55 14.75 13.19 -7.35
CA VAL B 55 14.66 13.32 -5.86
C VAL B 55 14.86 14.80 -5.53
N PHE B 56 13.92 15.39 -4.79
CA PHE B 56 13.92 16.82 -4.40
C PHE B 56 13.26 16.98 -3.03
N TRP B 57 13.73 17.95 -2.26
CA TRP B 57 13.00 18.49 -1.08
C TRP B 57 11.94 19.45 -1.61
N GLN B 58 10.67 19.20 -1.28
CA GLN B 58 9.55 20.13 -1.58
C GLN B 58 9.41 21.04 -0.36
N GLN B 59 10.22 22.09 -0.30
CA GLN B 59 10.31 22.98 0.88
C GLN B 59 9.04 23.83 0.89
N THR B 60 8.20 23.63 1.91
CA THR B 60 6.84 24.23 2.03
C THR B 60 6.75 24.91 3.40
N THR B 61 6.51 26.23 3.42
CA THR B 61 6.33 27.03 4.67
C THR B 61 5.04 27.84 4.56
N TRP B 62 4.36 28.03 5.69
CA TRP B 62 3.11 28.83 5.80
C TRP B 62 2.83 29.12 7.28
N SER B 63 1.90 30.05 7.53
CA SER B 63 1.46 30.46 8.88
C SER B 63 0.11 29.79 9.20
N ASP B 64 0.02 29.16 10.37
CA ASP B 64 -1.25 28.66 10.96
C ASP B 64 -1.32 29.19 12.40
N ARG B 65 -2.03 30.30 12.59
CA ARG B 65 -2.13 31.03 13.89
C ARG B 65 -2.91 30.19 14.90
N THR B 66 -3.63 29.16 14.46
CA THR B 66 -4.37 28.20 15.33
C THR B 66 -3.36 27.37 16.15
N LEU B 67 -2.15 27.19 15.63
CA LEU B 67 -1.06 26.40 16.26
C LEU B 67 -0.32 27.25 17.31
N ALA B 68 -0.31 28.57 17.15
CA ALA B 68 0.51 29.53 17.94
C ALA B 68 0.31 29.31 19.45
N TRP B 69 1.38 29.43 20.23
CA TRP B 69 1.37 29.37 21.72
C TRP B 69 2.38 30.37 22.29
N ASN B 70 2.31 30.62 23.60
CA ASN B 70 3.21 31.53 24.35
C ASN B 70 4.45 30.74 24.79
N SER B 71 5.63 31.09 24.27
CA SER B 71 6.91 30.37 24.51
C SER B 71 7.88 31.25 25.31
N SER B 72 7.43 31.77 26.45
CA SER B 72 8.27 32.50 27.46
C SER B 72 9.04 31.47 28.30
N HIS B 73 8.31 30.54 28.91
CA HIS B 73 8.84 29.44 29.77
C HIS B 73 8.64 28.10 29.07
N SER B 74 8.56 28.10 27.74
CA SER B 74 8.26 26.92 26.88
C SER B 74 9.23 26.88 25.71
N PRO B 75 9.45 25.69 25.08
CA PRO B 75 10.26 25.61 23.86
C PRO B 75 9.63 26.39 22.69
N ASP B 76 10.47 27.03 21.88
CA ASP B 76 10.07 27.91 20.74
C ASP B 76 9.47 27.08 19.61
N GLN B 77 9.90 25.82 19.46
CA GLN B 77 9.57 24.97 18.28
C GLN B 77 9.29 23.54 18.72
N VAL B 78 8.43 22.84 17.98
CA VAL B 78 8.17 21.38 18.16
C VAL B 78 8.11 20.71 16.79
N SER B 79 8.51 19.44 16.74
CA SER B 79 8.24 18.54 15.59
C SER B 79 6.86 17.91 15.80
N VAL B 80 6.01 17.97 14.76
CA VAL B 80 4.58 17.55 14.81
C VAL B 80 4.28 16.68 13.60
N PRO B 81 3.63 15.52 13.77
CA PRO B 81 3.19 14.71 12.63
C PRO B 81 2.19 15.54 11.81
N ILE B 82 2.33 15.51 10.48
CA ILE B 82 1.53 16.35 9.56
C ILE B 82 0.04 15.97 9.63
N SER B 83 -0.29 14.76 10.09
CA SER B 83 -1.69 14.29 10.27
C SER B 83 -2.42 15.16 11.31
N SER B 84 -1.68 15.82 12.22
CA SER B 84 -2.23 16.72 13.26
C SER B 84 -2.42 18.14 12.73
N LEU B 85 -1.96 18.42 11.50
CA LEU B 85 -1.88 19.81 10.94
C LEU B 85 -2.66 19.88 9.63
N TRP B 86 -3.22 21.06 9.31
CA TRP B 86 -3.58 21.41 7.92
C TRP B 86 -2.28 21.47 7.11
N VAL B 87 -2.30 20.88 5.92
CA VAL B 87 -1.19 20.95 4.92
C VAL B 87 -1.80 21.33 3.57
N PRO B 88 -1.18 22.23 2.80
CA PRO B 88 -1.71 22.57 1.47
C PRO B 88 -1.81 21.33 0.57
N ASP B 89 -2.85 21.30 -0.27
CA ASP B 89 -3.15 20.21 -1.23
C ASP B 89 -2.35 20.46 -2.52
N LEU B 90 -1.03 20.58 -2.41
CA LEU B 90 -0.13 20.85 -3.56
C LEU B 90 -0.01 19.58 -4.40
N ALA B 91 -0.06 19.75 -5.72
CA ALA B 91 0.17 18.66 -6.70
C ALA B 91 1.16 19.17 -7.76
N ALA B 92 2.07 18.30 -8.18
CA ALA B 92 2.95 18.54 -9.34
C ALA B 92 2.13 18.17 -10.59
N TYR B 93 1.70 19.17 -11.33
CA TYR B 93 0.67 19.06 -12.41
C TYR B 93 1.12 18.04 -13.47
N ASN B 94 2.43 17.97 -13.78
CA ASN B 94 2.98 17.12 -14.86
C ASN B 94 3.67 15.88 -14.27
N ALA B 95 3.41 15.55 -13.00
CA ALA B 95 3.82 14.26 -12.40
C ALA B 95 3.03 13.12 -13.05
N ILE B 96 3.68 11.98 -13.28
CA ILE B 96 3.05 10.76 -13.85
C ILE B 96 3.12 9.60 -12.85
N SER B 97 3.64 9.83 -11.65
CA SER B 97 3.66 8.87 -10.51
C SER B 97 3.24 9.63 -9.24
N LYS B 98 2.62 8.93 -8.29
CA LYS B 98 2.35 9.49 -6.94
C LYS B 98 3.69 9.85 -6.32
N PRO B 99 3.77 10.93 -5.52
CA PRO B 99 5.03 11.27 -4.84
C PRO B 99 5.43 10.11 -3.91
N GLU B 100 6.70 9.69 -3.98
CA GLU B 100 7.30 8.69 -3.08
C GLU B 100 8.02 9.47 -1.97
N VAL B 101 7.39 9.60 -0.80
CA VAL B 101 7.93 10.37 0.36
C VAL B 101 8.98 9.51 1.06
N LEU B 102 10.24 9.96 1.07
CA LEU B 102 11.41 9.19 1.56
C LEU B 102 11.64 9.43 3.06
N THR B 103 11.04 10.47 3.65
CA THR B 103 11.42 11.01 4.98
C THR B 103 10.27 10.87 5.96
N PRO B 104 10.53 10.91 7.29
CA PRO B 104 9.45 10.93 8.28
C PRO B 104 8.50 12.10 8.00
N GLN B 105 7.20 11.85 8.11
CA GLN B 105 6.15 12.87 7.83
C GLN B 105 5.93 13.73 9.08
N LEU B 106 6.95 14.49 9.46
CA LEU B 106 6.94 15.49 10.55
C LEU B 106 7.17 16.89 9.97
N ALA B 107 6.40 17.87 10.44
CA ALA B 107 6.61 19.31 10.22
C ALA B 107 7.26 19.91 11.46
N ARG B 108 8.12 20.92 11.28
CA ARG B 108 8.64 21.78 12.37
C ARG B 108 7.68 22.96 12.52
N VAL B 109 7.13 23.17 13.72
CA VAL B 109 6.16 24.27 14.01
C VAL B 109 6.81 25.21 15.03
N VAL B 110 6.86 26.51 14.71
CA VAL B 110 7.39 27.60 15.59
C VAL B 110 6.22 28.19 16.36
N SER B 111 6.47 28.75 17.55
CA SER B 111 5.45 29.25 18.51
C SER B 111 4.60 30.38 17.90
N ASP B 112 5.09 31.06 16.86
CA ASP B 112 4.34 32.12 16.12
C ASP B 112 3.35 31.48 15.14
N GLY B 113 3.36 30.15 14.98
CA GLY B 113 2.44 29.41 14.10
C GLY B 113 3.00 29.16 12.71
N GLU B 114 4.27 29.52 12.46
CA GLU B 114 4.97 29.15 11.20
C GLU B 114 5.14 27.63 11.17
N VAL B 115 4.83 27.02 10.02
CA VAL B 115 4.99 25.56 9.77
C VAL B 115 6.04 25.37 8.68
N LEU B 116 7.04 24.53 8.94
CA LEU B 116 8.08 24.15 7.94
C LEU B 116 7.92 22.65 7.66
N TYR B 117 7.37 22.31 6.50
CA TYR B 117 7.17 20.92 6.03
C TYR B 117 8.05 20.69 4.80
N MET B 118 9.12 19.92 4.96
CA MET B 118 10.19 19.77 3.95
C MET B 118 10.39 18.29 3.63
N PRO B 119 9.38 17.60 3.04
CA PRO B 119 9.55 16.20 2.67
C PRO B 119 10.54 16.04 1.50
N SER B 120 11.39 15.00 1.57
CA SER B 120 12.19 14.52 0.43
C SER B 120 11.33 13.56 -0.39
N ILE B 121 11.16 13.87 -1.67
CA ILE B 121 10.22 13.16 -2.58
C ILE B 121 10.99 12.62 -3.78
N ARG B 122 10.75 11.36 -4.12
CA ARG B 122 11.08 10.80 -5.45
C ARG B 122 9.79 10.73 -6.25
N GLN B 123 9.80 11.29 -7.47
CA GLN B 123 8.62 11.38 -8.37
C GLN B 123 9.08 11.36 -9.82
N ARG B 124 8.26 10.81 -10.71
CA ARG B 124 8.53 10.74 -12.17
C ARG B 124 7.71 11.85 -12.85
N PHE B 125 8.31 12.56 -13.79
CA PHE B 125 7.69 13.72 -14.47
C PHE B 125 7.67 13.51 -15.98
N SER B 126 6.58 13.96 -16.60
CA SER B 126 6.46 14.22 -18.05
C SER B 126 6.92 15.65 -18.32
N CYS B 127 8.08 15.84 -18.95
CA CYS B 127 8.66 17.17 -19.28
C CYS B 127 9.66 17.04 -20.45
N ASP B 128 10.21 18.18 -20.88
CA ASP B 128 11.12 18.26 -22.05
C ASP B 128 12.52 17.78 -21.66
N VAL B 129 12.91 16.58 -22.10
CA VAL B 129 14.24 15.97 -21.84
C VAL B 129 15.14 16.13 -23.09
N SER B 130 14.61 16.69 -24.19
CA SER B 130 15.42 16.93 -25.43
C SER B 130 16.63 17.79 -25.08
N GLY B 131 17.81 17.45 -25.60
CA GLY B 131 19.08 18.16 -25.37
C GLY B 131 19.84 17.71 -24.14
N VAL B 132 19.35 16.69 -23.41
CA VAL B 132 19.98 16.23 -22.12
C VAL B 132 21.44 15.81 -22.36
N ASP B 133 21.76 15.24 -23.52
CA ASP B 133 23.15 14.78 -23.89
C ASP B 133 23.88 15.84 -24.72
N THR B 134 23.55 17.13 -24.54
CA THR B 134 24.23 18.26 -25.23
C THR B 134 24.84 19.18 -24.16
N GLU B 135 25.75 20.07 -24.58
CA GLU B 135 26.43 21.05 -23.69
C GLU B 135 25.39 21.94 -22.97
N SER B 136 24.35 22.36 -23.68
CA SER B 136 23.28 23.26 -23.19
C SER B 136 22.34 22.52 -22.22
N GLY B 137 22.21 21.20 -22.40
CA GLY B 137 21.40 20.30 -21.55
C GLY B 137 19.92 20.41 -21.88
N ALA B 138 19.09 19.65 -21.15
CA ALA B 138 17.61 19.73 -21.21
C ALA B 138 17.12 20.77 -20.20
N THR B 139 15.97 21.38 -20.45
CA THR B 139 15.21 22.18 -19.45
C THR B 139 13.86 21.49 -19.20
N CYS B 140 13.77 20.75 -18.10
CA CYS B 140 12.54 20.08 -17.60
C CYS B 140 11.79 21.05 -16.67
N ARG B 141 10.54 21.37 -17.01
CA ARG B 141 9.71 22.34 -16.25
C ARG B 141 8.68 21.57 -15.41
N ILE B 142 8.67 21.81 -14.10
CA ILE B 142 7.76 21.17 -13.09
C ILE B 142 6.82 22.26 -12.55
N LYS B 143 5.51 22.06 -12.66
CA LYS B 143 4.50 23.03 -12.14
C LYS B 143 3.82 22.44 -10.91
N ILE B 144 3.91 23.15 -9.78
CA ILE B 144 3.35 22.75 -8.46
C ILE B 144 2.37 23.84 -8.00
N GLY B 145 1.12 23.46 -7.79
CA GLY B 145 0.08 24.35 -7.21
C GLY B 145 -0.96 23.55 -6.45
N SER B 146 -1.89 24.26 -5.82
CA SER B 146 -3.05 23.68 -5.11
C SER B 146 -3.94 22.94 -6.11
N TRP B 147 -4.50 21.80 -5.70
CA TRP B 147 -5.46 21.04 -6.55
C TRP B 147 -6.85 21.71 -6.47
N THR B 148 -7.23 22.27 -5.32
CA THR B 148 -8.65 22.64 -5.03
C THR B 148 -8.80 24.05 -4.46
N HIS B 149 -7.72 24.78 -4.19
CA HIS B 149 -7.78 26.16 -3.62
C HIS B 149 -7.32 27.19 -4.66
N HIS B 150 -8.24 28.06 -5.10
CA HIS B 150 -7.96 29.22 -5.99
C HIS B 150 -7.13 30.27 -5.22
N SER B 151 -6.73 31.34 -5.92
CA SER B 151 -5.72 32.34 -5.47
C SER B 151 -6.19 33.13 -4.25
N ARG B 152 -7.51 33.24 -4.03
CA ARG B 152 -8.09 33.91 -2.82
C ARG B 152 -7.99 33.01 -1.59
N GLU B 153 -7.62 31.72 -1.75
CA GLU B 153 -7.53 30.74 -0.63
C GLU B 153 -6.07 30.32 -0.41
N ILE B 154 -5.34 30.00 -1.48
CA ILE B 154 -3.87 29.69 -1.41
C ILE B 154 -3.12 30.52 -2.45
N SER B 155 -2.15 31.32 -2.00
CA SER B 155 -1.13 31.96 -2.86
C SER B 155 0.18 31.17 -2.72
N VAL B 156 0.83 30.85 -3.84
CA VAL B 156 2.17 30.19 -3.87
C VAL B 156 3.19 31.22 -4.38
N ASP B 157 4.33 31.34 -3.68
CA ASP B 157 5.49 32.15 -4.13
C ASP B 157 6.74 31.29 -4.02
N PRO B 158 7.73 31.44 -4.94
CA PRO B 158 9.03 30.80 -4.77
C PRO B 158 9.85 31.47 -3.66
N THR B 159 10.53 30.66 -2.84
CA THR B 159 11.53 31.09 -1.83
C THR B 159 12.93 31.04 -2.47
N THR B 160 13.33 32.13 -3.12
CA THR B 160 14.65 32.25 -3.81
C THR B 160 15.59 33.07 -2.91
N GLU B 161 16.41 32.38 -2.11
CA GLU B 161 17.46 33.00 -1.25
C GLU B 161 18.77 33.09 -2.05
N ASN B 162 18.73 32.83 -3.36
CA ASN B 162 19.87 32.97 -4.30
C ASN B 162 20.96 31.97 -3.90
N SER B 163 20.55 30.75 -3.52
CA SER B 163 21.47 29.66 -3.08
C SER B 163 22.14 29.01 -4.29
N ASP B 164 23.16 28.19 -4.05
CA ASP B 164 23.74 27.26 -5.05
C ASP B 164 22.67 26.21 -5.36
N ASP B 165 22.30 26.07 -6.64
CA ASP B 165 21.25 25.14 -7.13
C ASP B 165 21.69 23.69 -6.85
N SER B 166 22.99 23.42 -6.87
CA SER B 166 23.61 22.09 -6.67
C SER B 166 24.09 21.90 -5.23
N GLU B 167 23.74 22.81 -4.31
CA GLU B 167 24.20 22.81 -2.89
C GLU B 167 24.12 21.40 -2.30
N TYR B 168 22.99 20.72 -2.51
CA TYR B 168 22.67 19.39 -1.93
C TYR B 168 22.50 18.34 -3.03
N PHE B 169 22.92 18.64 -4.27
CA PHE B 169 22.79 17.71 -5.41
C PHE B 169 23.92 16.66 -5.33
N SER B 170 23.55 15.39 -5.49
CA SER B 170 24.47 14.22 -5.41
C SER B 170 25.56 14.33 -6.47
N GLN B 171 26.83 14.20 -6.07
CA GLN B 171 28.01 14.13 -6.99
C GLN B 171 28.00 12.78 -7.74
N TYR B 172 27.14 11.84 -7.34
CA TYR B 172 27.16 10.44 -7.84
C TYR B 172 26.10 10.23 -8.92
N SER B 173 25.14 11.14 -9.08
CA SER B 173 24.23 11.23 -10.25
C SER B 173 25.07 11.14 -11.54
N ARG B 174 24.50 10.58 -12.61
CA ARG B 174 25.12 10.62 -13.97
C ARG B 174 24.93 12.01 -14.55
N PHE B 175 24.09 12.84 -13.91
CA PHE B 175 23.69 14.19 -14.40
C PHE B 175 24.25 15.26 -13.47
N GLU B 176 24.33 16.49 -14.01
CA GLU B 176 24.68 17.71 -13.25
C GLU B 176 23.66 18.80 -13.59
N ILE B 177 23.45 19.73 -12.66
CA ILE B 177 22.49 20.86 -12.79
C ILE B 177 23.27 22.06 -13.30
N LEU B 178 22.79 22.66 -14.40
CA LEU B 178 23.38 23.90 -14.98
C LEU B 178 22.72 25.13 -14.35
N ASP B 179 21.41 25.09 -14.10
CA ASP B 179 20.64 26.20 -13.46
C ASP B 179 19.24 25.71 -13.05
N VAL B 180 18.69 26.35 -12.01
CA VAL B 180 17.28 26.19 -11.55
C VAL B 180 16.66 27.59 -11.41
N THR B 181 15.56 27.87 -12.11
CA THR B 181 14.76 29.11 -11.97
C THR B 181 13.34 28.73 -11.53
N GLN B 182 12.79 29.44 -10.54
CA GLN B 182 11.45 29.19 -9.95
C GLN B 182 10.64 30.48 -10.06
N LYS B 183 9.54 30.47 -10.83
CA LYS B 183 8.67 31.64 -11.11
C LYS B 183 7.21 31.31 -10.79
N LYS B 184 6.46 32.32 -10.36
CA LYS B 184 5.03 32.24 -9.99
C LYS B 184 4.18 32.58 -11.23
N ASN B 185 3.17 31.75 -11.52
CA ASN B 185 2.12 32.04 -12.53
C ASN B 185 0.76 32.16 -11.82
N SER B 186 -0.06 33.09 -12.29
CA SER B 186 -1.50 33.21 -11.94
C SER B 186 -2.32 33.08 -13.23
N VAL B 187 -3.08 31.99 -13.35
CA VAL B 187 -3.81 31.60 -14.60
C VAL B 187 -5.28 31.38 -14.26
N THR B 188 -6.18 31.85 -15.13
CA THR B 188 -7.64 31.56 -15.12
C THR B 188 -7.93 30.52 -16.21
N TYR B 189 -8.57 29.41 -15.84
CA TYR B 189 -8.86 28.25 -16.72
C TYR B 189 -10.36 28.19 -17.02
N SER B 190 -10.74 27.33 -17.99
CA SER B 190 -12.12 27.21 -18.54
C SER B 190 -13.10 26.70 -17.47
N CYS B 191 -12.62 25.91 -16.49
CA CYS B 191 -13.47 25.27 -15.43
C CYS B 191 -14.15 26.33 -14.57
N CYS B 192 -13.44 27.41 -14.25
CA CYS B 192 -13.59 28.20 -13.00
C CYS B 192 -13.47 29.70 -13.27
N PRO B 193 -14.27 30.56 -12.60
CA PRO B 193 -14.10 32.01 -12.69
C PRO B 193 -12.88 32.57 -11.93
N GLU B 194 -12.38 31.86 -10.92
CA GLU B 194 -11.28 32.35 -10.02
C GLU B 194 -9.93 31.90 -10.59
N ALA B 195 -8.88 32.69 -10.33
CA ALA B 195 -7.48 32.41 -10.73
C ALA B 195 -6.89 31.33 -9.80
N TYR B 196 -6.11 30.41 -10.38
CA TYR B 196 -5.29 29.41 -9.65
C TYR B 196 -3.80 29.77 -9.84
N GLU B 197 -3.00 29.52 -8.80
CA GLU B 197 -1.56 29.90 -8.78
C GLU B 197 -0.69 28.62 -8.79
N ASP B 198 0.48 28.70 -9.41
CA ASP B 198 1.50 27.62 -9.44
C ASP B 198 2.89 28.24 -9.34
N VAL B 199 3.87 27.46 -8.86
CA VAL B 199 5.31 27.75 -9.05
C VAL B 199 5.81 26.82 -10.15
N GLU B 200 6.39 27.40 -11.20
CA GLU B 200 7.03 26.68 -12.33
C GLU B 200 8.53 26.63 -12.05
N VAL B 201 9.05 25.42 -11.81
CA VAL B 201 10.50 25.17 -11.54
C VAL B 201 11.14 24.63 -12.82
N SER B 202 12.10 25.38 -13.38
CA SER B 202 12.84 25.03 -14.62
C SER B 202 14.21 24.45 -14.26
N LEU B 203 14.35 23.13 -14.39
CA LEU B 203 15.58 22.37 -14.12
C LEU B 203 16.35 22.21 -15.43
N ASN B 204 17.40 23.01 -15.61
CA ASN B 204 18.37 22.90 -16.74
C ASN B 204 19.49 21.99 -16.26
N PHE B 205 19.59 20.79 -16.84
CA PHE B 205 20.55 19.73 -16.43
C PHE B 205 21.06 19.00 -17.68
N ARG B 206 22.17 18.29 -17.55
CA ARG B 206 22.78 17.50 -18.66
C ARG B 206 23.47 16.26 -18.10
N LYS B 207 23.62 15.23 -18.94
CA LYS B 207 24.60 14.13 -18.75
C LYS B 207 25.99 14.77 -18.58
N LYS B 208 26.75 14.32 -17.57
CA LYS B 208 28.17 14.73 -17.39
C LYS B 208 28.99 14.23 -18.60
N GLY B 209 30.01 15.01 -18.99
CA GLY B 209 30.90 14.68 -20.12
C GLY B 209 31.89 13.57 -19.78
N ARG B 210 32.78 13.25 -20.73
CA ARG B 210 33.84 12.21 -20.61
C ARG B 210 33.17 10.84 -20.53
N ALA C 5 -21.14 32.49 10.11
CA ALA C 5 -20.45 31.18 10.08
C ALA C 5 -19.02 31.37 9.54
N ASP C 6 -18.26 30.28 9.42
CA ASP C 6 -16.88 30.23 8.84
C ASP C 6 -16.64 28.84 8.24
N ARG C 7 -15.42 28.55 7.79
CA ARG C 7 -15.09 27.29 7.06
C ARG C 7 -15.18 26.10 8.02
N ALA C 8 -14.66 26.24 9.24
CA ALA C 8 -14.72 25.22 10.31
C ALA C 8 -16.17 24.75 10.50
N ASP C 9 -17.12 25.69 10.57
CA ASP C 9 -18.56 25.42 10.80
C ASP C 9 -19.14 24.62 9.62
N ILE C 10 -18.83 25.02 8.39
CA ILE C 10 -19.32 24.33 7.16
C ILE C 10 -18.81 22.89 7.16
N LEU C 11 -17.52 22.67 7.46
CA LEU C 11 -16.89 21.32 7.54
C LEU C 11 -17.53 20.52 8.69
N TYR C 12 -17.76 21.13 9.84
CA TYR C 12 -18.40 20.47 11.01
C TYR C 12 -19.80 19.99 10.61
N ASN C 13 -20.59 20.86 9.97
CA ASN C 13 -21.98 20.55 9.54
C ASN C 13 -21.94 19.37 8.56
N ILE C 14 -21.08 19.40 7.55
CA ILE C 14 -20.94 18.30 6.55
C ILE C 14 -20.68 16.99 7.30
N ARG C 15 -19.80 17.00 8.29
CA ARG C 15 -19.49 15.83 9.16
C ARG C 15 -20.76 15.34 9.88
N GLN C 16 -21.68 16.24 10.23
CA GLN C 16 -22.97 15.92 10.90
C GLN C 16 -24.01 15.43 9.87
N THR C 17 -24.00 15.98 8.65
CA THR C 17 -25.05 15.74 7.62
C THR C 17 -24.64 14.60 6.67
N SER C 18 -23.39 14.58 6.20
CA SER C 18 -22.88 13.65 5.17
C SER C 18 -22.84 12.22 5.69
N ARG C 19 -23.43 11.28 4.94
CA ARG C 19 -23.34 9.82 5.17
C ARG C 19 -22.56 9.20 4.01
N PRO C 20 -21.22 9.04 4.13
CA PRO C 20 -20.40 8.57 3.00
C PRO C 20 -20.90 7.28 2.35
N ASP C 21 -21.53 6.40 3.14
CA ASP C 21 -21.96 5.04 2.70
C ASP C 21 -23.43 5.03 2.27
N VAL C 22 -24.08 6.20 2.15
CA VAL C 22 -25.53 6.31 1.82
C VAL C 22 -25.70 7.25 0.61
N ILE C 23 -26.22 6.73 -0.49
CA ILE C 23 -26.54 7.51 -1.73
C ILE C 23 -27.59 8.58 -1.37
N PRO C 24 -27.31 9.87 -1.64
CA PRO C 24 -28.24 10.96 -1.30
C PRO C 24 -29.36 11.18 -2.33
N THR C 25 -30.23 10.19 -2.51
CA THR C 25 -31.46 10.29 -3.34
C THR C 25 -32.61 10.78 -2.47
N GLN C 26 -33.04 12.03 -2.68
CA GLN C 26 -34.24 12.63 -2.04
C GLN C 26 -35.47 12.19 -2.86
N ARG C 27 -36.45 11.54 -2.21
CA ARG C 27 -37.75 11.11 -2.80
C ARG C 27 -37.51 10.14 -3.97
N ASP C 28 -36.55 9.21 -3.80
CA ASP C 28 -36.25 8.11 -4.75
C ASP C 28 -35.96 8.65 -6.17
N ARG C 29 -35.39 9.85 -6.28
CA ARG C 29 -34.96 10.46 -7.57
C ARG C 29 -33.50 10.09 -7.80
N PRO C 30 -33.13 9.64 -9.03
CA PRO C 30 -31.74 9.27 -9.31
C PRO C 30 -30.80 10.46 -9.07
N VAL C 31 -29.63 10.18 -8.49
CA VAL C 31 -28.50 11.15 -8.37
C VAL C 31 -27.89 11.30 -9.78
N ALA C 32 -28.04 12.48 -10.37
CA ALA C 32 -27.51 12.84 -11.71
C ALA C 32 -26.00 13.11 -11.58
N VAL C 33 -25.17 12.18 -12.07
CA VAL C 33 -23.69 12.31 -12.04
C VAL C 33 -23.21 12.76 -13.42
N SER C 34 -22.52 13.89 -13.48
CA SER C 34 -21.78 14.37 -14.68
C SER C 34 -20.40 13.70 -14.69
N VAL C 35 -20.11 12.89 -15.71
CA VAL C 35 -18.81 12.19 -15.89
C VAL C 35 -18.23 12.63 -17.23
N SER C 36 -16.95 13.03 -17.25
CA SER C 36 -16.18 13.28 -18.49
C SER C 36 -14.69 13.18 -18.18
N LEU C 37 -13.93 12.59 -19.10
CA LEU C 37 -12.46 12.43 -18.98
C LEU C 37 -11.78 13.57 -19.75
N LYS C 38 -10.80 14.22 -19.11
CA LYS C 38 -9.85 15.14 -19.79
C LYS C 38 -8.49 14.44 -19.81
N PHE C 39 -8.00 14.10 -21.00
CA PHE C 39 -6.74 13.34 -21.20
C PHE C 39 -5.56 14.29 -21.06
N ILE C 40 -4.59 13.92 -20.23
CA ILE C 40 -3.38 14.70 -19.85
C ILE C 40 -2.15 14.09 -20.53
N ASN C 41 -2.06 12.76 -20.56
CA ASN C 41 -0.89 12.06 -21.15
C ASN C 41 -1.29 10.68 -21.65
N ILE C 42 -0.55 10.19 -22.65
CA ILE C 42 -0.53 8.78 -23.10
C ILE C 42 0.93 8.32 -22.99
N LEU C 43 1.21 7.42 -22.05
CA LEU C 43 2.59 7.07 -21.60
C LEU C 43 3.07 5.81 -22.32
N GLU C 44 2.15 4.87 -22.57
CA GLU C 44 2.49 3.54 -23.16
C GLU C 44 1.31 3.03 -23.96
N VAL C 45 1.64 2.38 -25.08
CA VAL C 45 0.71 1.75 -26.05
C VAL C 45 1.38 0.47 -26.52
N ASN C 46 0.61 -0.61 -26.64
CA ASN C 46 1.12 -1.93 -27.13
C ASN C 46 0.15 -2.44 -28.19
N GLU C 47 0.58 -2.39 -29.46
CA GLU C 47 -0.21 -2.78 -30.66
C GLU C 47 -0.63 -4.24 -30.57
N ILE C 48 0.21 -5.11 -30.01
CA ILE C 48 -0.02 -6.59 -29.99
C ILE C 48 -0.98 -6.96 -28.86
N THR C 49 -0.79 -6.42 -27.66
CA THR C 49 -1.64 -6.76 -26.48
C THR C 49 -2.91 -5.88 -26.46
N ASN C 50 -2.93 -4.80 -27.26
CA ASN C 50 -4.04 -3.81 -27.29
C ASN C 50 -4.23 -3.26 -25.87
N GLU C 51 -3.17 -2.68 -25.32
CA GLU C 51 -3.18 -2.03 -23.99
C GLU C 51 -2.61 -0.61 -24.14
N VAL C 52 -3.14 0.32 -23.35
CA VAL C 52 -2.72 1.75 -23.30
C VAL C 52 -2.58 2.15 -21.83
N ASP C 53 -1.57 2.96 -21.51
CA ASP C 53 -1.30 3.53 -20.17
C ASP C 53 -1.49 5.03 -20.28
N VAL C 54 -2.55 5.56 -19.67
CA VAL C 54 -3.02 6.96 -19.86
C VAL C 54 -3.12 7.68 -18.51
N VAL C 55 -2.98 9.01 -18.56
CA VAL C 55 -3.26 9.94 -17.43
C VAL C 55 -4.42 10.83 -17.87
N PHE C 56 -5.44 10.96 -17.02
CA PHE C 56 -6.66 11.75 -17.32
C PHE C 56 -7.29 12.26 -16.02
N TRP C 57 -7.93 13.42 -16.09
CA TRP C 57 -8.88 13.89 -15.05
C TRP C 57 -10.19 13.12 -15.24
N GLN C 58 -10.62 12.37 -14.23
CA GLN C 58 -11.98 11.76 -14.20
C GLN C 58 -12.94 12.78 -13.58
N GLN C 59 -13.41 13.74 -14.39
CA GLN C 59 -14.19 14.91 -13.90
C GLN C 59 -15.60 14.44 -13.51
N THR C 60 -15.86 14.35 -12.20
CA THR C 60 -17.12 13.84 -11.62
C THR C 60 -17.84 14.98 -10.89
N THR C 61 -19.08 15.26 -11.27
CA THR C 61 -19.96 16.33 -10.72
C THR C 61 -21.33 15.75 -10.36
N TRP C 62 -21.86 16.09 -9.19
CA TRP C 62 -23.23 15.74 -8.73
C TRP C 62 -23.66 16.68 -7.59
N SER C 63 -24.91 16.55 -7.15
CA SER C 63 -25.49 17.32 -6.02
C SER C 63 -25.85 16.35 -4.88
N ASP C 64 -25.42 16.68 -3.66
CA ASP C 64 -25.89 16.11 -2.37
C ASP C 64 -26.51 17.27 -1.59
N ARG C 65 -27.80 17.55 -1.83
CA ARG C 65 -28.49 18.79 -1.38
C ARG C 65 -28.75 18.73 0.13
N THR C 66 -28.28 17.69 0.81
CA THR C 66 -28.22 17.59 2.30
C THR C 66 -27.04 18.41 2.82
N LEU C 67 -25.96 18.52 2.03
CA LEU C 67 -24.73 19.27 2.38
C LEU C 67 -24.99 20.79 2.33
N ALA C 68 -25.98 21.21 1.54
CA ALA C 68 -26.25 22.63 1.19
C ALA C 68 -26.41 23.47 2.46
N TRP C 69 -25.80 24.66 2.48
CA TRP C 69 -25.88 25.67 3.57
C TRP C 69 -26.17 27.05 2.98
N ASN C 70 -26.55 28.01 3.83
CA ASN C 70 -26.76 29.43 3.46
C ASN C 70 -25.41 30.15 3.52
N SER C 71 -24.96 30.69 2.38
CA SER C 71 -23.64 31.36 2.22
C SER C 71 -23.81 32.86 1.93
N SER C 72 -24.74 33.51 2.62
CA SER C 72 -24.99 34.98 2.57
C SER C 72 -23.88 35.72 3.33
N HIS C 73 -23.51 35.20 4.51
CA HIS C 73 -22.49 35.78 5.43
C HIS C 73 -21.46 34.68 5.74
N SER C 74 -21.05 33.93 4.72
CA SER C 74 -20.22 32.70 4.83
C SER C 74 -19.57 32.40 3.48
N PRO C 75 -18.45 31.64 3.45
CA PRO C 75 -17.85 31.20 2.18
C PRO C 75 -18.81 30.38 1.31
N ASP C 76 -18.75 30.61 0.00
CA ASP C 76 -19.63 29.96 -1.02
C ASP C 76 -19.22 28.50 -1.21
N GLN C 77 -17.93 28.20 -1.06
CA GLN C 77 -17.31 26.89 -1.40
C GLN C 77 -16.29 26.50 -0.33
N VAL C 78 -16.11 25.20 -0.11
CA VAL C 78 -14.99 24.62 0.71
C VAL C 78 -14.43 23.40 0.00
N SER C 79 -13.13 23.14 0.18
CA SER C 79 -12.47 21.86 -0.18
C SER C 79 -12.62 20.89 0.99
N VAL C 80 -13.10 19.68 0.70
CA VAL C 80 -13.47 18.63 1.71
C VAL C 80 -12.81 17.33 1.30
N PRO C 81 -12.19 16.56 2.24
CA PRO C 81 -11.70 15.22 1.92
C PRO C 81 -12.88 14.31 1.52
N ILE C 82 -12.68 13.46 0.52
CA ILE C 82 -13.77 12.63 -0.08
C ILE C 82 -14.25 11.56 0.92
N SER C 83 -13.45 11.22 1.94
CA SER C 83 -13.80 10.24 3.01
C SER C 83 -14.98 10.75 3.86
N SER C 84 -15.18 12.06 3.92
CA SER C 84 -16.31 12.72 4.63
C SER C 84 -17.56 12.78 3.75
N LEU C 85 -17.46 12.42 2.46
CA LEU C 85 -18.55 12.59 1.47
C LEU C 85 -18.97 11.24 0.91
N TRP C 86 -20.23 11.12 0.45
CA TRP C 86 -20.66 10.08 -0.51
C TRP C 86 -20.04 10.40 -1.87
N VAL C 87 -19.44 9.41 -2.53
CA VAL C 87 -18.91 9.54 -3.92
C VAL C 87 -19.49 8.40 -4.74
N PRO C 88 -19.89 8.65 -6.00
CA PRO C 88 -20.42 7.60 -6.87
C PRO C 88 -19.40 6.46 -7.06
N ASP C 89 -19.91 5.24 -7.09
CA ASP C 89 -19.11 3.99 -7.24
C ASP C 89 -18.83 3.76 -8.74
N LEU C 90 -18.16 4.71 -9.40
CA LEU C 90 -17.84 4.61 -10.84
C LEU C 90 -16.67 3.65 -11.05
N ALA C 91 -16.77 2.79 -12.05
CA ALA C 91 -15.67 1.90 -12.50
C ALA C 91 -15.49 2.07 -14.01
N ALA C 92 -14.24 2.10 -14.47
CA ALA C 92 -13.86 1.94 -15.88
C ALA C 92 -13.92 0.45 -16.22
N TYR C 93 -14.94 0.05 -16.96
CA TYR C 93 -15.30 -1.36 -17.23
C TYR C 93 -14.15 -2.11 -17.92
N ASN C 94 -13.34 -1.44 -18.75
CA ASN C 94 -12.26 -2.08 -19.54
C ASN C 94 -10.88 -1.70 -18.97
N ALA C 95 -10.82 -1.17 -17.75
CA ALA C 95 -9.57 -0.96 -17.00
C ALA C 95 -9.01 -2.33 -16.60
N ILE C 96 -7.68 -2.48 -16.67
CA ILE C 96 -6.95 -3.75 -16.33
C ILE C 96 -5.95 -3.47 -15.19
N SER C 97 -6.00 -2.26 -14.62
CA SER C 97 -5.22 -1.85 -13.43
C SER C 97 -6.12 -1.02 -12.51
N LYS C 98 -5.85 -1.05 -11.21
CA LYS C 98 -6.48 -0.15 -10.20
C LYS C 98 -6.11 1.28 -10.57
N PRO C 99 -7.02 2.27 -10.36
CA PRO C 99 -6.68 3.66 -10.62
C PRO C 99 -5.56 4.12 -9.68
N GLU C 100 -4.44 4.60 -10.24
CA GLU C 100 -3.37 5.29 -9.48
C GLU C 100 -3.74 6.79 -9.41
N VAL C 101 -4.42 7.18 -8.33
CA VAL C 101 -4.85 8.60 -8.09
C VAL C 101 -3.60 9.42 -7.77
N LEU C 102 -3.30 10.44 -8.58
CA LEU C 102 -2.03 11.22 -8.52
C LEU C 102 -2.22 12.45 -7.64
N THR C 103 -3.45 12.82 -7.30
CA THR C 103 -3.79 14.16 -6.74
C THR C 103 -4.37 14.02 -5.34
N PRO C 104 -4.27 15.07 -4.51
CA PRO C 104 -4.92 15.10 -3.20
C PRO C 104 -6.41 14.76 -3.31
N GLN C 105 -6.90 13.88 -2.43
CA GLN C 105 -8.28 13.34 -2.48
C GLN C 105 -9.23 14.32 -1.78
N LEU C 106 -9.38 15.52 -2.36
CA LEU C 106 -10.31 16.59 -1.91
C LEU C 106 -11.33 16.87 -3.02
N ALA C 107 -12.60 17.01 -2.65
CA ALA C 107 -13.69 17.49 -3.52
C ALA C 107 -13.96 18.95 -3.19
N ARG C 108 -14.34 19.75 -4.19
CA ARG C 108 -14.88 21.12 -3.99
C ARG C 108 -16.39 21.01 -3.80
N VAL C 109 -16.92 21.53 -2.69
CA VAL C 109 -18.37 21.51 -2.35
C VAL C 109 -18.88 22.96 -2.32
N VAL C 110 -19.95 23.21 -3.09
CA VAL C 110 -20.61 24.55 -3.26
C VAL C 110 -21.80 24.60 -2.29
N SER C 111 -22.20 25.81 -1.87
CA SER C 111 -23.24 26.06 -0.83
C SER C 111 -24.60 25.50 -1.25
N ASP C 112 -24.85 25.34 -2.56
CA ASP C 112 -26.10 24.75 -3.12
C ASP C 112 -26.03 23.20 -3.08
N GLY C 113 -24.91 22.63 -2.62
CA GLY C 113 -24.76 21.17 -2.44
C GLY C 113 -24.04 20.51 -3.61
N GLU C 114 -23.64 21.26 -4.65
CA GLU C 114 -22.90 20.71 -5.82
C GLU C 114 -21.53 20.22 -5.32
N VAL C 115 -21.14 19.00 -5.70
CA VAL C 115 -19.81 18.42 -5.39
C VAL C 115 -19.02 18.27 -6.69
N LEU C 116 -17.80 18.82 -6.73
CA LEU C 116 -16.83 18.71 -7.85
C LEU C 116 -15.68 17.81 -7.39
N TYR C 117 -15.63 16.57 -7.86
CA TYR C 117 -14.50 15.64 -7.59
C TYR C 117 -13.78 15.35 -8.91
N MET C 118 -12.57 15.87 -9.06
CA MET C 118 -11.81 15.88 -10.34
C MET C 118 -10.42 15.29 -10.12
N PRO C 119 -10.31 14.00 -9.75
CA PRO C 119 -9.00 13.37 -9.57
C PRO C 119 -8.26 13.19 -10.89
N SER C 120 -6.93 13.31 -10.86
CA SER C 120 -6.01 12.89 -11.94
C SER C 120 -5.61 11.43 -11.70
N ILE C 121 -5.87 10.55 -12.66
CA ILE C 121 -5.70 9.08 -12.55
C ILE C 121 -4.77 8.59 -13.66
N ARG C 122 -3.78 7.78 -13.29
CA ARG C 122 -3.04 6.90 -14.23
C ARG C 122 -3.66 5.51 -14.14
N GLN C 123 -4.03 4.95 -15.29
CA GLN C 123 -4.73 3.65 -15.39
C GLN C 123 -4.46 3.01 -16.76
N ARG C 124 -4.32 1.69 -16.77
CA ARG C 124 -4.13 0.86 -18.01
CA ARG C 124 -4.12 0.86 -17.99
C ARG C 124 -5.49 0.33 -18.45
N PHE C 125 -5.71 0.32 -19.76
CA PHE C 125 -6.99 -0.10 -20.39
C PHE C 125 -6.72 -1.15 -21.48
N SER C 126 -7.62 -2.12 -21.58
CA SER C 126 -7.77 -3.03 -22.75
C SER C 126 -8.72 -2.35 -23.75
N CYS C 127 -8.21 -1.88 -24.88
CA CYS C 127 -9.02 -1.23 -25.95
C CYS C 127 -8.32 -1.37 -27.31
N ASP C 128 -8.99 -0.92 -28.37
CA ASP C 128 -8.51 -1.06 -29.77
C ASP C 128 -7.32 -0.12 -30.01
N VAL C 129 -6.12 -0.68 -30.15
CA VAL C 129 -4.87 0.08 -30.46
C VAL C 129 -4.54 -0.04 -31.97
N SER C 130 -5.36 -0.75 -32.75
CA SER C 130 -5.12 -0.98 -34.20
C SER C 130 -5.15 0.37 -34.92
N GLY C 131 -4.15 0.61 -35.79
CA GLY C 131 -4.00 1.82 -36.61
C GLY C 131 -3.31 2.96 -35.88
N VAL C 132 -2.81 2.75 -34.65
CA VAL C 132 -2.23 3.83 -33.79
C VAL C 132 -1.05 4.49 -34.53
N ASP C 133 -0.33 3.72 -35.36
CA ASP C 133 0.92 4.18 -36.03
C ASP C 133 0.61 4.77 -37.42
N THR C 134 -0.69 4.94 -37.75
CA THR C 134 -1.16 5.51 -39.04
C THR C 134 -1.62 6.94 -38.80
N GLU C 135 -1.87 7.70 -39.87
CA GLU C 135 -2.34 9.11 -39.80
C GLU C 135 -3.77 9.16 -39.25
N SER C 136 -4.59 8.14 -39.55
CA SER C 136 -5.98 7.97 -39.04
C SER C 136 -5.96 7.67 -37.54
N GLY C 137 -4.92 6.97 -37.06
CA GLY C 137 -4.72 6.63 -35.64
C GLY C 137 -5.65 5.53 -35.17
N ALA C 138 -5.62 5.25 -33.87
CA ALA C 138 -6.48 4.27 -33.17
C ALA C 138 -7.65 5.00 -32.50
N THR C 139 -8.76 4.31 -32.31
CA THR C 139 -9.89 4.76 -31.45
C THR C 139 -10.01 3.80 -30.25
N CYS C 140 -9.46 4.21 -29.11
CA CYS C 140 -9.58 3.50 -27.81
C CYS C 140 -10.87 3.94 -27.12
N ARG C 141 -11.79 3.01 -26.88
CA ARG C 141 -13.11 3.26 -26.22
C ARG C 141 -13.02 2.84 -24.75
N ILE C 142 -13.37 3.75 -23.84
CA ILE C 142 -13.37 3.55 -22.36
C ILE C 142 -14.80 3.78 -21.87
N LYS C 143 -15.39 2.78 -21.22
CA LYS C 143 -16.76 2.84 -20.65
C LYS C 143 -16.66 3.02 -19.14
N ILE C 144 -17.38 4.03 -18.60
CA ILE C 144 -17.47 4.31 -17.14
C ILE C 144 -18.94 4.41 -16.75
N GLY C 145 -19.31 3.74 -15.66
CA GLY C 145 -20.65 3.76 -15.06
C GLY C 145 -20.61 3.22 -13.65
N SER C 146 -21.70 3.31 -12.93
CA SER C 146 -21.84 2.79 -11.54
C SER C 146 -21.66 1.27 -11.54
N TRP C 147 -21.04 0.73 -10.49
CA TRP C 147 -20.84 -0.74 -10.34
C TRP C 147 -22.09 -1.39 -9.75
N THR C 148 -22.81 -0.71 -8.84
CA THR C 148 -23.88 -1.33 -8.01
C THR C 148 -25.19 -0.53 -8.05
N HIS C 149 -25.27 0.58 -8.78
CA HIS C 149 -26.47 1.44 -8.87
C HIS C 149 -27.01 1.46 -10.31
N HIS C 150 -28.27 1.08 -10.49
CA HIS C 150 -29.01 1.14 -11.78
C HIS C 150 -29.47 2.58 -12.04
N SER C 151 -30.10 2.81 -13.19
CA SER C 151 -30.46 4.14 -13.76
C SER C 151 -31.39 4.94 -12.82
N ARG C 152 -32.14 4.27 -11.95
CA ARG C 152 -33.15 4.90 -11.05
CA ARG C 152 -33.14 4.93 -11.08
C ARG C 152 -32.47 5.40 -9.77
N GLU C 153 -31.19 5.06 -9.58
CA GLU C 153 -30.38 5.46 -8.40
C GLU C 153 -29.23 6.39 -8.84
N ILE C 154 -28.48 5.99 -9.86
CA ILE C 154 -27.41 6.82 -10.51
C ILE C 154 -27.66 6.87 -12.01
N SER C 155 -27.88 8.07 -12.54
CA SER C 155 -27.79 8.40 -13.99
C SER C 155 -26.42 9.05 -14.24
N VAL C 156 -25.79 8.73 -15.38
CA VAL C 156 -24.47 9.30 -15.80
C VAL C 156 -24.69 10.06 -17.12
N ASP C 157 -24.20 11.31 -17.19
CA ASP C 157 -24.32 12.19 -18.39
C ASP C 157 -22.95 12.78 -18.71
N PRO C 158 -22.60 12.92 -20.00
CA PRO C 158 -21.36 13.58 -20.40
C PRO C 158 -21.50 15.11 -20.46
N THR C 159 -20.48 15.84 -19.98
CA THR C 159 -20.43 17.32 -19.93
C THR C 159 -19.79 17.84 -21.23
N THR C 160 -20.58 17.95 -22.31
CA THR C 160 -20.10 18.13 -23.70
C THR C 160 -20.32 19.58 -24.18
N GLU C 161 -19.62 20.54 -23.57
CA GLU C 161 -19.49 21.94 -24.07
C GLU C 161 -18.34 21.99 -25.08
N ASN C 162 -18.18 23.12 -25.78
CA ASN C 162 -17.14 23.31 -26.83
C ASN C 162 -15.81 23.66 -26.18
N SER C 163 -14.89 22.68 -26.12
CA SER C 163 -13.51 22.80 -25.61
C SER C 163 -12.55 22.02 -26.52
N ASP C 164 -11.28 22.43 -26.57
CA ASP C 164 -10.18 21.68 -27.23
C ASP C 164 -9.96 20.39 -26.43
N ASP C 165 -9.98 19.23 -27.12
CA ASP C 165 -9.78 17.89 -26.51
C ASP C 165 -8.32 17.75 -26.05
N SER C 166 -7.41 18.48 -26.69
CA SER C 166 -5.95 18.51 -26.40
C SER C 166 -5.57 19.67 -25.47
N GLU C 167 -6.56 20.43 -24.97
CA GLU C 167 -6.32 21.69 -24.20
C GLU C 167 -5.24 21.44 -23.13
N TYR C 168 -5.40 20.40 -22.32
CA TYR C 168 -4.48 20.08 -21.18
C TYR C 168 -3.62 18.86 -21.51
N PHE C 169 -3.64 18.40 -22.76
CA PHE C 169 -2.86 17.20 -23.19
C PHE C 169 -1.39 17.59 -23.35
N SER C 170 -0.49 16.78 -22.77
CA SER C 170 0.97 17.01 -22.71
C SER C 170 1.55 17.07 -24.13
N GLN C 171 2.35 18.11 -24.41
CA GLN C 171 3.05 18.28 -25.71
C GLN C 171 4.23 17.30 -25.79
N TYR C 172 4.58 16.64 -24.68
CA TYR C 172 5.80 15.81 -24.52
C TYR C 172 5.47 14.32 -24.61
N SER C 173 4.19 13.96 -24.69
CA SER C 173 3.74 12.60 -25.08
C SER C 173 4.32 12.24 -26.46
N ARG C 174 4.63 10.97 -26.69
CA ARG C 174 5.02 10.45 -28.03
C ARG C 174 3.77 10.38 -28.91
N PHE C 175 2.58 10.58 -28.32
CA PHE C 175 1.27 10.50 -29.01
C PHE C 175 0.60 11.87 -29.04
N GLU C 176 -0.43 12.01 -29.86
CA GLU C 176 -1.27 13.23 -29.98
C GLU C 176 -2.73 12.80 -30.16
N ILE C 177 -3.67 13.67 -29.76
CA ILE C 177 -5.14 13.44 -29.81
C ILE C 177 -5.70 14.07 -31.09
N LEU C 178 -6.50 13.31 -31.83
CA LEU C 178 -7.23 13.79 -33.04
C LEU C 178 -8.64 14.24 -32.61
N ASP C 179 -9.33 13.43 -31.80
CA ASP C 179 -10.71 13.71 -31.34
C ASP C 179 -11.02 12.89 -30.08
N VAL C 180 -11.84 13.44 -29.20
CA VAL C 180 -12.46 12.73 -28.05
C VAL C 180 -13.97 12.96 -28.13
N THR C 181 -14.73 11.87 -28.34
CA THR C 181 -16.22 11.84 -28.36
C THR C 181 -16.70 11.15 -27.08
N GLN C 182 -17.72 11.71 -26.43
CA GLN C 182 -18.33 11.15 -25.20
C GLN C 182 -19.83 10.95 -25.47
N LYS C 183 -20.33 9.75 -25.18
CA LYS C 183 -21.69 9.27 -25.53
C LYS C 183 -22.28 8.52 -24.33
N LYS C 184 -23.56 8.76 -24.04
CA LYS C 184 -24.34 8.06 -22.98
C LYS C 184 -24.97 6.79 -23.57
N ASN C 185 -24.87 5.68 -22.83
CA ASN C 185 -25.55 4.39 -23.13
C ASN C 185 -26.44 4.02 -21.94
N SER C 186 -27.63 3.51 -22.23
CA SER C 186 -28.57 2.92 -21.25
C SER C 186 -28.87 1.49 -21.70
N VAL C 187 -28.33 0.50 -20.98
CA VAL C 187 -28.37 -0.95 -21.36
C VAL C 187 -29.00 -1.74 -20.21
N THR C 188 -29.94 -2.62 -20.54
CA THR C 188 -30.47 -3.69 -19.66
C THR C 188 -29.68 -4.97 -19.94
N TYR C 189 -28.98 -5.50 -18.94
CA TYR C 189 -28.23 -6.78 -18.98
C TYR C 189 -29.08 -7.87 -18.34
N SER C 190 -28.72 -9.14 -18.54
CA SER C 190 -29.49 -10.34 -18.08
C SER C 190 -29.53 -10.40 -16.55
N CYS C 191 -28.45 -9.99 -15.87
CA CYS C 191 -28.29 -10.02 -14.40
C CYS C 191 -29.54 -9.48 -13.68
N CYS C 192 -30.14 -8.42 -14.22
CA CYS C 192 -30.95 -7.43 -13.45
C CYS C 192 -32.07 -6.87 -14.31
N PRO C 193 -33.27 -6.59 -13.75
CA PRO C 193 -34.40 -6.09 -14.53
C PRO C 193 -34.29 -4.60 -14.91
N GLU C 194 -33.46 -3.83 -14.18
CA GLU C 194 -33.33 -2.35 -14.37
C GLU C 194 -32.17 -2.06 -15.32
N ALA C 195 -32.23 -0.90 -16.00
CA ALA C 195 -31.19 -0.41 -16.93
C ALA C 195 -30.05 0.23 -16.13
N TYR C 196 -28.80 -0.07 -16.51
CA TYR C 196 -27.57 0.57 -15.99
C TYR C 196 -27.04 1.53 -17.04
N GLU C 197 -26.64 2.73 -16.63
CA GLU C 197 -26.13 3.79 -17.54
C GLU C 197 -24.61 3.80 -17.51
N ASP C 198 -23.99 4.16 -18.63
CA ASP C 198 -22.51 4.30 -18.77
C ASP C 198 -22.22 5.43 -19.76
N VAL C 199 -21.08 6.10 -19.58
CA VAL C 199 -20.50 7.05 -20.57
C VAL C 199 -19.36 6.31 -21.29
N GLU C 200 -19.44 6.20 -22.62
CA GLU C 200 -18.36 5.68 -23.49
C GLU C 200 -17.56 6.87 -24.03
N VAL C 201 -16.27 6.94 -23.68
CA VAL C 201 -15.30 7.94 -24.18
C VAL C 201 -14.48 7.29 -25.30
N SER C 202 -14.62 7.81 -26.52
CA SER C 202 -13.84 7.38 -27.71
C SER C 202 -12.63 8.32 -27.87
N LEU C 203 -11.44 7.81 -27.57
CA LEU C 203 -10.15 8.54 -27.74
C LEU C 203 -9.56 8.17 -29.10
N ASN C 204 -9.63 9.10 -30.07
CA ASN C 204 -8.96 8.97 -31.40
C ASN C 204 -7.57 9.62 -31.26
N PHE C 205 -6.51 8.83 -31.39
CA PHE C 205 -5.13 9.27 -31.09
C PHE C 205 -4.14 8.48 -31.96
N ARG C 206 -2.93 9.00 -32.14
CA ARG C 206 -1.87 8.35 -32.95
C ARG C 206 -0.47 8.69 -32.42
N LYS C 207 0.50 7.82 -32.72
CA LYS C 207 1.94 8.12 -32.64
C LYS C 207 2.20 9.37 -33.49
N LYS C 208 2.96 10.33 -32.98
CA LYS C 208 3.30 11.58 -33.71
C LYS C 208 4.17 11.20 -34.92
N GLY C 209 3.77 11.64 -36.12
CA GLY C 209 4.36 11.23 -37.41
C GLY C 209 5.78 11.75 -37.57
N ALA D 5 -37.12 3.83 6.91
CA ALA D 5 -37.88 4.36 5.73
C ALA D 5 -36.91 4.66 4.58
N ASP D 6 -35.82 5.38 4.86
CA ASP D 6 -34.80 5.81 3.85
C ASP D 6 -33.58 4.87 3.91
N ARG D 7 -32.61 5.07 3.01
CA ARG D 7 -31.45 4.17 2.81
C ARG D 7 -30.46 4.28 3.99
N ALA D 8 -30.45 5.44 4.67
CA ALA D 8 -29.61 5.69 5.87
C ALA D 8 -30.10 4.81 7.02
N ASP D 9 -31.42 4.80 7.27
CA ASP D 9 -32.08 3.92 8.27
C ASP D 9 -31.69 2.46 7.99
N ILE D 10 -31.88 2.00 6.75
CA ILE D 10 -31.59 0.61 6.31
C ILE D 10 -30.14 0.25 6.67
N LEU D 11 -29.19 1.13 6.35
CA LEU D 11 -27.74 0.90 6.62
C LEU D 11 -27.51 0.83 8.13
N TYR D 12 -27.84 1.90 8.86
CA TYR D 12 -27.76 1.98 10.34
C TYR D 12 -28.26 0.66 10.94
N ASN D 13 -29.43 0.19 10.50
CA ASN D 13 -30.12 -1.02 11.02
C ASN D 13 -29.31 -2.28 10.65
N ILE D 14 -28.67 -2.31 9.48
CA ILE D 14 -27.76 -3.41 9.06
C ILE D 14 -26.61 -3.50 10.06
N ARG D 15 -26.00 -2.37 10.42
CA ARG D 15 -24.80 -2.28 11.30
C ARG D 15 -25.13 -2.71 12.74
N GLN D 16 -26.37 -2.48 13.20
CA GLN D 16 -26.82 -2.85 14.57
C GLN D 16 -26.81 -4.37 14.72
N THR D 17 -27.24 -5.10 13.70
CA THR D 17 -27.41 -6.57 13.71
C THR D 17 -26.22 -7.24 13.00
N SER D 18 -25.73 -6.68 11.90
CA SER D 18 -24.62 -7.28 11.11
C SER D 18 -23.36 -7.38 11.98
N ARG D 19 -22.81 -8.60 12.07
CA ARG D 19 -21.53 -8.90 12.75
C ARG D 19 -20.55 -9.42 11.70
N PRO D 20 -19.77 -8.51 11.06
CA PRO D 20 -18.89 -8.89 9.95
C PRO D 20 -17.93 -10.07 10.18
N ASP D 21 -17.64 -10.41 11.45
CA ASP D 21 -16.70 -11.50 11.82
C ASP D 21 -17.48 -12.76 12.22
N VAL D 22 -18.81 -12.71 12.19
CA VAL D 22 -19.71 -13.85 12.56
C VAL D 22 -20.36 -14.41 11.29
N ILE D 23 -20.10 -15.68 11.00
CA ILE D 23 -20.70 -16.43 9.86
C ILE D 23 -22.20 -16.56 10.11
N PRO D 24 -23.07 -16.09 9.19
CA PRO D 24 -24.51 -16.10 9.42
C PRO D 24 -25.22 -17.43 9.14
N THR D 25 -24.78 -18.51 9.79
CA THR D 25 -25.41 -19.86 9.73
C THR D 25 -26.83 -19.78 10.29
N GLN D 26 -27.80 -20.33 9.56
CA GLN D 26 -29.22 -20.46 9.97
C GLN D 26 -29.41 -21.86 10.56
N ARG D 27 -29.80 -21.95 11.84
CA ARG D 27 -29.72 -23.21 12.64
C ARG D 27 -28.26 -23.66 12.60
N ASP D 28 -27.99 -24.96 12.52
CA ASP D 28 -26.61 -25.51 12.32
C ASP D 28 -26.45 -25.94 10.86
N ARG D 29 -26.91 -25.11 9.91
CA ARG D 29 -26.73 -25.35 8.45
C ARG D 29 -25.62 -24.45 7.93
N PRO D 30 -24.84 -24.92 6.94
CA PRO D 30 -23.81 -24.07 6.33
C PRO D 30 -24.49 -22.88 5.64
N VAL D 31 -23.72 -21.80 5.44
CA VAL D 31 -24.08 -20.67 4.52
C VAL D 31 -23.85 -21.17 3.09
N ALA D 32 -24.89 -21.17 2.26
CA ALA D 32 -24.87 -21.63 0.86
C ALA D 32 -24.39 -20.46 -0.02
N VAL D 33 -23.11 -20.48 -0.40
CA VAL D 33 -22.48 -19.43 -1.22
C VAL D 33 -22.47 -19.90 -2.69
N SER D 34 -23.10 -19.13 -3.57
CA SER D 34 -23.04 -19.32 -5.04
C SER D 34 -21.77 -18.63 -5.56
N VAL D 35 -20.96 -19.35 -6.35
CA VAL D 35 -19.75 -18.81 -7.03
C VAL D 35 -19.91 -19.01 -8.54
N SER D 36 -19.64 -17.95 -9.31
CA SER D 36 -19.65 -17.94 -10.81
C SER D 36 -18.55 -16.99 -11.29
N LEU D 37 -17.46 -17.53 -11.84
CA LEU D 37 -16.40 -16.70 -12.48
C LEU D 37 -16.86 -16.32 -13.90
N LYS D 38 -16.87 -15.02 -14.19
CA LYS D 38 -17.15 -14.46 -15.54
C LYS D 38 -15.85 -13.83 -16.06
N PHE D 39 -15.21 -14.45 -17.04
CA PHE D 39 -13.88 -14.01 -17.57
C PHE D 39 -14.09 -12.78 -18.46
N ILE D 40 -13.38 -11.70 -18.13
CA ILE D 40 -13.44 -10.39 -18.84
C ILE D 40 -12.22 -10.26 -19.75
N ASN D 41 -11.06 -10.75 -19.31
CA ASN D 41 -9.82 -10.60 -20.11
C ASN D 41 -8.81 -11.69 -19.71
N ILE D 42 -7.96 -12.05 -20.68
CA ILE D 42 -6.72 -12.85 -20.49
C ILE D 42 -5.58 -11.99 -21.04
N LEU D 43 -4.70 -11.52 -20.15
CA LEU D 43 -3.76 -10.40 -20.44
C LEU D 43 -2.37 -10.94 -20.76
N GLU D 44 -1.86 -11.85 -19.93
CA GLU D 44 -0.50 -12.43 -20.10
C GLU D 44 -0.60 -13.94 -19.90
N VAL D 45 0.01 -14.70 -20.81
CA VAL D 45 0.10 -16.19 -20.75
C VAL D 45 1.57 -16.56 -20.97
N ASN D 46 2.11 -17.41 -20.10
CA ASN D 46 3.52 -17.87 -20.16
C ASN D 46 3.52 -19.40 -20.20
N GLU D 47 3.87 -19.97 -21.36
CA GLU D 47 3.83 -21.42 -21.63
C GLU D 47 5.01 -22.11 -20.94
N ILE D 48 6.12 -21.40 -20.72
CA ILE D 48 7.34 -21.96 -20.07
C ILE D 48 7.11 -22.05 -18.56
N THR D 49 6.56 -21.01 -17.92
CA THR D 49 6.37 -20.94 -16.44
C THR D 49 4.99 -21.49 -16.03
N ASN D 50 4.08 -21.71 -16.99
CA ASN D 50 2.69 -22.15 -16.73
C ASN D 50 2.02 -21.17 -15.77
N GLU D 51 2.00 -19.89 -16.16
CA GLU D 51 1.33 -18.79 -15.43
C GLU D 51 0.42 -18.06 -16.41
N VAL D 52 -0.76 -17.67 -15.95
CA VAL D 52 -1.73 -16.81 -16.70
C VAL D 52 -2.08 -15.59 -15.83
N ASP D 53 -2.40 -14.48 -16.49
CA ASP D 53 -2.87 -13.21 -15.87
C ASP D 53 -4.27 -12.95 -16.44
N VAL D 54 -5.30 -13.02 -15.60
CA VAL D 54 -6.73 -12.95 -16.05
C VAL D 54 -7.44 -11.83 -15.29
N VAL D 55 -8.46 -11.25 -15.93
CA VAL D 55 -9.48 -10.37 -15.29
C VAL D 55 -10.82 -11.10 -15.34
N PHE D 56 -11.47 -11.26 -14.19
CA PHE D 56 -12.76 -12.00 -14.04
C PHE D 56 -13.64 -11.33 -12.99
N TRP D 57 -14.95 -11.45 -13.14
CA TRP D 57 -15.95 -11.16 -12.09
C TRP D 57 -16.07 -12.39 -11.19
N GLN D 58 -15.71 -12.26 -9.91
CA GLN D 58 -15.90 -13.33 -8.90
C GLN D 58 -17.29 -13.16 -8.30
N GLN D 59 -18.33 -13.62 -9.01
CA GLN D 59 -19.75 -13.38 -8.68
C GLN D 59 -20.14 -14.26 -7.49
N THR D 60 -20.42 -13.65 -6.33
CA THR D 60 -20.63 -14.34 -5.04
C THR D 60 -21.97 -13.90 -4.44
N THR D 61 -22.90 -14.84 -4.23
CA THR D 61 -24.22 -14.58 -3.60
C THR D 61 -24.42 -15.52 -2.41
N TRP D 62 -25.12 -15.05 -1.38
CA TRP D 62 -25.49 -15.82 -0.17
C TRP D 62 -26.60 -15.08 0.57
N SER D 63 -27.19 -15.71 1.58
CA SER D 63 -28.25 -15.13 2.46
C SER D 63 -27.67 -14.86 3.85
N ASP D 64 -27.97 -13.69 4.40
CA ASP D 64 -27.72 -13.29 5.82
C ASP D 64 -29.02 -12.67 6.33
N ARG D 65 -29.82 -13.45 7.06
CA ARG D 65 -31.20 -13.10 7.49
C ARG D 65 -31.17 -11.97 8.53
N THR D 66 -30.03 -11.70 9.17
CA THR D 66 -29.85 -10.61 10.16
C THR D 66 -29.83 -9.25 9.44
N LEU D 67 -29.56 -9.24 8.13
CA LEU D 67 -29.59 -8.02 7.27
C LEU D 67 -31.03 -7.69 6.86
N ALA D 68 -31.95 -8.66 6.91
CA ALA D 68 -33.31 -8.57 6.34
C ALA D 68 -34.13 -7.48 7.04
N TRP D 69 -34.76 -6.61 6.25
CA TRP D 69 -35.64 -5.50 6.72
C TRP D 69 -36.96 -5.55 5.95
N ASN D 70 -37.93 -4.72 6.36
CA ASN D 70 -39.30 -4.64 5.79
C ASN D 70 -39.29 -3.67 4.61
N SER D 71 -39.47 -4.18 3.38
CA SER D 71 -39.36 -3.42 2.11
C SER D 71 -40.71 -2.81 1.69
N SER D 72 -41.74 -2.96 2.53
CA SER D 72 -43.02 -2.20 2.42
C SER D 72 -42.70 -0.72 2.65
N HIS D 73 -43.19 0.16 1.77
CA HIS D 73 -43.02 1.64 1.82
C HIS D 73 -41.53 1.98 2.00
N SER D 74 -40.63 1.15 1.46
CA SER D 74 -39.14 1.29 1.58
C SER D 74 -38.48 0.87 0.28
N PRO D 75 -37.18 1.22 0.07
CA PRO D 75 -36.38 0.63 -1.00
C PRO D 75 -36.15 -0.87 -0.77
N ASP D 76 -36.16 -1.64 -1.86
CA ASP D 76 -36.11 -3.13 -1.84
C ASP D 76 -34.66 -3.60 -1.76
N GLN D 77 -33.70 -2.79 -2.25
CA GLN D 77 -32.25 -3.10 -2.22
C GLN D 77 -31.45 -1.86 -1.79
N VAL D 78 -30.20 -2.06 -1.35
CA VAL D 78 -29.20 -0.99 -1.09
C VAL D 78 -27.81 -1.49 -1.48
N SER D 79 -26.90 -0.58 -1.82
CA SER D 79 -25.45 -0.83 -1.96
C SER D 79 -24.78 -0.61 -0.61
N VAL D 80 -23.95 -1.55 -0.16
CA VAL D 80 -23.37 -1.58 1.21
C VAL D 80 -21.88 -1.85 1.11
N PRO D 81 -21.03 -1.08 1.81
CA PRO D 81 -19.59 -1.38 1.85
C PRO D 81 -19.39 -2.74 2.53
N ILE D 82 -18.47 -3.56 2.00
CA ILE D 82 -18.28 -4.98 2.45
C ILE D 82 -17.75 -5.02 3.89
N SER D 83 -17.13 -3.93 4.38
CA SER D 83 -16.64 -3.83 5.79
C SER D 83 -17.81 -3.79 6.78
N SER D 84 -19.02 -3.43 6.33
CA SER D 84 -20.27 -3.42 7.15
C SER D 84 -20.93 -4.81 7.17
N LEU D 85 -20.42 -5.78 6.41
CA LEU D 85 -21.05 -7.11 6.18
C LEU D 85 -20.07 -8.24 6.54
N TRP D 86 -20.61 -9.42 6.83
CA TRP D 86 -19.85 -10.69 6.73
C TRP D 86 -19.72 -11.04 5.25
N VAL D 87 -18.52 -11.41 4.82
CA VAL D 87 -18.20 -11.83 3.43
C VAL D 87 -17.45 -13.16 3.53
N PRO D 88 -17.78 -14.17 2.69
CA PRO D 88 -17.03 -15.42 2.72
C PRO D 88 -15.53 -15.15 2.45
N ASP D 89 -14.67 -15.84 3.21
CA ASP D 89 -13.19 -15.81 3.07
C ASP D 89 -12.78 -16.70 1.89
N LEU D 90 -13.31 -16.44 0.69
CA LEU D 90 -12.96 -17.21 -0.53
C LEU D 90 -11.53 -16.87 -0.93
N ALA D 91 -10.77 -17.89 -1.33
CA ALA D 91 -9.41 -17.77 -1.88
C ALA D 91 -9.33 -18.67 -3.12
N ALA D 92 -8.73 -18.17 -4.19
CA ALA D 92 -8.32 -19.00 -5.34
C ALA D 92 -7.10 -19.82 -4.93
N TYR D 93 -7.25 -21.14 -4.87
CA TYR D 93 -6.27 -22.09 -4.29
C TYR D 93 -4.92 -22.04 -5.05
N ASN D 94 -4.96 -21.85 -6.38
CA ASN D 94 -3.73 -21.87 -7.24
C ASN D 94 -3.34 -20.45 -7.68
N ALA D 95 -3.70 -19.41 -6.91
CA ALA D 95 -3.25 -18.02 -7.13
C ALA D 95 -1.79 -17.87 -6.71
N ILE D 96 -1.00 -17.09 -7.46
CA ILE D 96 0.42 -16.77 -7.13
C ILE D 96 0.59 -15.25 -6.97
N SER D 97 -0.50 -14.49 -6.96
CA SER D 97 -0.51 -13.03 -6.63
C SER D 97 -1.73 -12.72 -5.78
N LYS D 98 -1.63 -11.65 -4.99
CA LYS D 98 -2.75 -11.07 -4.19
C LYS D 98 -3.85 -10.68 -5.16
N PRO D 99 -5.15 -10.89 -4.85
CA PRO D 99 -6.21 -10.37 -5.70
C PRO D 99 -6.11 -8.84 -5.84
N GLU D 100 -6.04 -8.35 -7.08
CA GLU D 100 -6.09 -6.91 -7.41
C GLU D 100 -7.55 -6.56 -7.75
N VAL D 101 -8.27 -5.97 -6.79
CA VAL D 101 -9.71 -5.63 -6.94
C VAL D 101 -9.83 -4.30 -7.67
N LEU D 102 -10.51 -4.30 -8.82
CA LEU D 102 -10.56 -3.17 -9.78
C LEU D 102 -11.82 -2.32 -9.55
N THR D 103 -12.79 -2.85 -8.80
CA THR D 103 -14.14 -2.25 -8.66
C THR D 103 -14.35 -1.73 -7.24
N PRO D 104 -15.27 -0.77 -7.04
CA PRO D 104 -15.66 -0.36 -5.69
C PRO D 104 -16.10 -1.57 -4.85
N GLN D 105 -15.64 -1.64 -3.61
CA GLN D 105 -15.88 -2.79 -2.69
C GLN D 105 -17.28 -2.63 -2.05
N LEU D 106 -18.32 -2.68 -2.88
CA LEU D 106 -19.74 -2.55 -2.45
C LEU D 106 -20.48 -3.84 -2.79
N ALA D 107 -21.25 -4.34 -1.83
CA ALA D 107 -22.21 -5.46 -2.01
C ALA D 107 -23.61 -4.87 -2.26
N ARG D 108 -24.41 -5.56 -3.07
CA ARG D 108 -25.87 -5.32 -3.20
C ARG D 108 -26.58 -6.24 -2.20
N VAL D 109 -27.29 -5.65 -1.24
CA VAL D 109 -28.12 -6.37 -0.22
C VAL D 109 -29.58 -6.17 -0.58
N VAL D 110 -30.34 -7.26 -0.70
CA VAL D 110 -31.82 -7.26 -0.92
C VAL D 110 -32.48 -7.37 0.46
N SER D 111 -33.75 -6.93 0.57
CA SER D 111 -34.51 -6.78 1.84
C SER D 111 -34.82 -8.13 2.49
N ASP D 112 -34.72 -9.23 1.73
CA ASP D 112 -34.89 -10.63 2.23
C ASP D 112 -33.55 -11.15 2.79
N GLY D 113 -32.48 -10.35 2.73
CA GLY D 113 -31.16 -10.68 3.31
C GLY D 113 -30.20 -11.27 2.29
N GLU D 114 -30.60 -11.37 1.02
CA GLU D 114 -29.69 -11.83 -0.07
C GLU D 114 -28.61 -10.78 -0.28
N VAL D 115 -27.36 -11.23 -0.40
CA VAL D 115 -26.17 -10.37 -0.65
C VAL D 115 -25.59 -10.75 -2.01
N LEU D 116 -25.36 -9.77 -2.88
CA LEU D 116 -24.64 -9.94 -4.16
C LEU D 116 -23.33 -9.16 -4.08
N TYR D 117 -22.20 -9.85 -4.02
CA TYR D 117 -20.84 -9.26 -4.02
C TYR D 117 -20.09 -9.77 -5.25
N MET D 118 -19.87 -8.88 -6.22
CA MET D 118 -19.35 -9.22 -7.58
C MET D 118 -18.13 -8.36 -7.89
N PRO D 119 -16.97 -8.59 -7.22
CA PRO D 119 -15.76 -7.85 -7.54
C PRO D 119 -15.19 -8.27 -8.90
N SER D 120 -14.69 -7.31 -9.67
CA SER D 120 -13.79 -7.57 -10.82
C SER D 120 -12.36 -7.66 -10.27
N ILE D 121 -11.70 -8.79 -10.53
CA ILE D 121 -10.35 -9.13 -9.96
C ILE D 121 -9.39 -9.37 -11.11
N ARG D 122 -8.20 -8.78 -11.03
CA ARG D 122 -7.02 -9.18 -11.83
C ARG D 122 -6.09 -9.99 -10.93
N GLN D 123 -5.73 -11.21 -11.34
CA GLN D 123 -4.94 -12.13 -10.51
C GLN D 123 -4.18 -13.14 -11.38
N ARG D 124 -3.01 -13.53 -10.91
CA ARG D 124 -2.06 -14.45 -11.60
C ARG D 124 -2.24 -15.85 -11.00
N PHE D 125 -2.15 -16.88 -11.84
CA PHE D 125 -2.45 -18.29 -11.48
C PHE D 125 -1.37 -19.23 -12.03
N SER D 126 -1.07 -20.28 -11.26
CA SER D 126 -0.35 -21.49 -11.71
C SER D 126 -1.37 -22.51 -12.24
N CYS D 127 -1.37 -22.76 -13.55
CA CYS D 127 -2.29 -23.72 -14.22
C CYS D 127 -1.70 -24.16 -15.56
N ASP D 128 -2.29 -25.21 -16.15
CA ASP D 128 -1.80 -25.85 -17.40
C ASP D 128 -2.03 -24.88 -18.57
N VAL D 129 -0.94 -24.29 -19.07
CA VAL D 129 -0.93 -23.33 -20.21
C VAL D 129 -0.56 -24.08 -21.50
N SER D 130 -0.13 -25.34 -21.42
CA SER D 130 0.26 -26.18 -22.59
C SER D 130 -0.91 -26.23 -23.59
N GLY D 131 -0.61 -26.01 -24.87
CA GLY D 131 -1.58 -26.12 -25.98
C GLY D 131 -2.37 -24.83 -26.20
N VAL D 132 -2.00 -23.74 -25.52
CA VAL D 132 -2.63 -22.39 -25.69
C VAL D 132 -2.56 -22.00 -27.17
N ASP D 133 -1.48 -22.37 -27.86
CA ASP D 133 -1.25 -22.07 -29.29
C ASP D 133 -1.56 -23.32 -30.13
N THR D 134 -2.79 -23.86 -30.02
CA THR D 134 -3.31 -25.00 -30.82
C THR D 134 -4.80 -24.83 -31.08
N GLU D 135 -5.37 -25.66 -31.96
CA GLU D 135 -6.83 -25.69 -32.26
C GLU D 135 -7.61 -26.02 -30.98
N SER D 136 -7.16 -27.04 -30.23
CA SER D 136 -7.87 -27.58 -29.04
C SER D 136 -7.78 -26.58 -27.89
N GLY D 137 -6.69 -25.80 -27.83
CA GLY D 137 -6.43 -24.78 -26.81
C GLY D 137 -5.83 -25.38 -25.55
N ALA D 138 -5.49 -24.53 -24.58
CA ALA D 138 -5.06 -24.90 -23.21
C ALA D 138 -6.28 -24.90 -22.28
N THR D 139 -6.25 -25.68 -21.21
CA THR D 139 -7.31 -25.67 -20.16
C THR D 139 -6.69 -25.29 -18.82
N CYS D 140 -6.90 -24.05 -18.39
CA CYS D 140 -6.47 -23.49 -17.09
C CYS D 140 -7.57 -23.75 -16.06
N ARG D 141 -7.25 -24.51 -15.00
CA ARG D 141 -8.20 -24.87 -13.91
C ARG D 141 -7.92 -24.00 -12.67
N ILE D 142 -8.89 -23.17 -12.31
CA ILE D 142 -8.84 -22.25 -11.12
C ILE D 142 -9.77 -22.82 -10.06
N LYS D 143 -9.26 -23.18 -8.88
CA LYS D 143 -10.06 -23.69 -7.73
C LYS D 143 -10.30 -22.55 -6.73
N ILE D 144 -11.56 -22.28 -6.39
CA ILE D 144 -11.95 -21.27 -5.37
C ILE D 144 -12.81 -21.95 -4.28
N GLY D 145 -12.40 -21.79 -3.03
CA GLY D 145 -13.18 -22.21 -1.85
C GLY D 145 -12.77 -21.41 -0.62
N SER D 146 -13.44 -21.66 0.51
CA SER D 146 -13.21 -20.94 1.81
C SER D 146 -11.82 -21.31 2.35
N TRP D 147 -11.13 -20.34 2.95
CA TRP D 147 -9.79 -20.57 3.55
C TRP D 147 -9.94 -21.25 4.93
N THR D 148 -10.96 -20.90 5.72
CA THR D 148 -11.04 -21.32 7.15
C THR D 148 -12.37 -21.99 7.51
N HIS D 149 -13.27 -22.25 6.56
CA HIS D 149 -14.62 -22.84 6.83
C HIS D 149 -14.80 -24.16 6.05
N HIS D 150 -14.97 -25.26 6.79
CA HIS D 150 -15.33 -26.60 6.24
C HIS D 150 -16.81 -26.63 5.82
N SER D 151 -17.20 -27.74 5.17
CA SER D 151 -18.47 -27.93 4.41
C SER D 151 -19.72 -27.73 5.29
N ARG D 152 -19.60 -27.77 6.62
CA ARG D 152 -20.74 -27.58 7.55
C ARG D 152 -20.91 -26.10 7.92
N GLU D 153 -19.95 -25.24 7.59
CA GLU D 153 -20.00 -23.77 7.85
C GLU D 153 -20.21 -23.00 6.54
N ILE D 154 -19.48 -23.37 5.48
CA ILE D 154 -19.67 -22.80 4.11
C ILE D 154 -19.76 -23.96 3.11
N SER D 155 -20.81 -23.96 2.30
CA SER D 155 -20.91 -24.74 1.04
C SER D 155 -20.75 -23.76 -0.13
N VAL D 156 -20.08 -24.21 -1.19
CA VAL D 156 -19.88 -23.40 -2.44
C VAL D 156 -20.39 -24.23 -3.60
N ASP D 157 -21.28 -23.65 -4.41
CA ASP D 157 -21.93 -24.31 -5.57
C ASP D 157 -21.81 -23.39 -6.78
N PRO D 158 -21.51 -23.94 -7.98
CA PRO D 158 -21.50 -23.13 -9.20
C PRO D 158 -22.94 -22.82 -9.62
N THR D 159 -23.19 -21.57 -9.99
CA THR D 159 -24.40 -21.12 -10.73
C THR D 159 -23.91 -20.57 -12.08
N THR D 160 -24.72 -20.70 -13.13
CA THR D 160 -24.39 -20.18 -14.48
C THR D 160 -25.59 -19.39 -15.00
N GLU D 161 -25.34 -18.36 -15.82
CA GLU D 161 -26.37 -17.68 -16.63
C GLU D 161 -26.41 -18.38 -17.99
N ASN D 162 -27.60 -18.48 -18.60
CA ASN D 162 -27.85 -19.22 -19.86
C ASN D 162 -27.05 -18.61 -21.01
N SER D 163 -26.73 -17.31 -20.93
CA SER D 163 -26.01 -16.53 -21.97
C SER D 163 -24.62 -17.11 -22.26
N ASP D 164 -24.05 -16.74 -23.40
CA ASP D 164 -22.77 -17.25 -23.96
C ASP D 164 -21.62 -16.92 -23.00
N ASP D 165 -20.64 -17.83 -22.89
CA ASP D 165 -19.53 -17.76 -21.90
C ASP D 165 -18.68 -16.50 -22.10
N SER D 166 -18.59 -16.00 -23.34
CA SER D 166 -17.71 -14.85 -23.73
C SER D 166 -18.55 -13.63 -24.14
N GLU D 167 -19.74 -13.44 -23.55
CA GLU D 167 -20.61 -12.27 -23.82
C GLU D 167 -20.00 -11.01 -23.18
N TYR D 168 -19.15 -11.15 -22.16
CA TYR D 168 -18.48 -10.04 -21.45
C TYR D 168 -16.96 -10.08 -21.64
N PHE D 169 -16.46 -10.98 -22.49
CA PHE D 169 -15.00 -11.14 -22.75
C PHE D 169 -14.54 -10.10 -23.78
N SER D 170 -13.42 -9.45 -23.50
CA SER D 170 -12.78 -8.41 -24.36
C SER D 170 -12.48 -9.00 -25.74
N GLN D 171 -12.92 -8.30 -26.79
CA GLN D 171 -12.61 -8.61 -28.21
C GLN D 171 -11.17 -8.20 -28.54
N TYR D 172 -10.49 -7.48 -27.63
CA TYR D 172 -9.14 -6.89 -27.87
C TYR D 172 -8.06 -7.75 -27.20
N SER D 173 -8.46 -8.74 -26.40
CA SER D 173 -7.55 -9.81 -25.86
C SER D 173 -6.88 -10.54 -27.03
N ARG D 174 -5.65 -11.01 -26.82
CA ARG D 174 -4.89 -11.86 -27.77
C ARG D 174 -5.53 -13.25 -27.86
N PHE D 175 -6.31 -13.61 -26.85
CA PHE D 175 -6.90 -14.96 -26.65
C PHE D 175 -8.40 -14.90 -26.92
N GLU D 176 -9.00 -16.05 -27.21
CA GLU D 176 -10.47 -16.26 -27.30
C GLU D 176 -10.85 -17.43 -26.40
N ILE D 177 -12.07 -17.40 -25.86
CA ILE D 177 -12.62 -18.45 -24.95
C ILE D 177 -13.37 -19.48 -25.80
N LEU D 178 -12.99 -20.76 -25.67
CA LEU D 178 -13.64 -21.91 -26.36
C LEU D 178 -14.77 -22.47 -25.48
N ASP D 179 -14.55 -22.58 -24.17
CA ASP D 179 -15.58 -23.04 -23.20
C ASP D 179 -15.13 -22.72 -21.77
N VAL D 180 -16.09 -22.41 -20.91
CA VAL D 180 -15.92 -22.30 -19.43
C VAL D 180 -16.91 -23.27 -18.77
N THR D 181 -16.40 -24.32 -18.10
CA THR D 181 -17.19 -25.29 -17.31
C THR D 181 -16.82 -25.14 -15.83
N GLN D 182 -17.82 -25.22 -14.94
CA GLN D 182 -17.65 -25.09 -13.47
C GLN D 182 -18.04 -26.40 -12.80
N LYS D 183 -17.14 -26.97 -12.00
CA LYS D 183 -17.37 -28.23 -11.24
C LYS D 183 -17.25 -27.95 -9.73
N LYS D 184 -18.18 -28.50 -8.95
CA LYS D 184 -18.13 -28.51 -7.47
C LYS D 184 -17.37 -29.77 -7.03
N ASN D 185 -16.41 -29.61 -6.11
CA ASN D 185 -15.70 -30.73 -5.45
C ASN D 185 -15.93 -30.64 -3.94
N SER D 186 -15.93 -31.78 -3.27
CA SER D 186 -15.96 -31.92 -1.79
C SER D 186 -14.81 -32.83 -1.38
N VAL D 187 -13.74 -32.27 -0.81
CA VAL D 187 -12.47 -32.99 -0.53
C VAL D 187 -12.17 -32.92 0.96
N THR D 188 -11.66 -34.01 1.53
CA THR D 188 -11.18 -34.14 2.93
C THR D 188 -9.65 -34.23 2.90
N TYR D 189 -8.96 -33.23 3.48
CA TYR D 189 -7.47 -33.09 3.47
C TYR D 189 -6.91 -33.62 4.80
N SER D 190 -5.58 -33.62 4.95
CA SER D 190 -4.83 -34.29 6.04
C SER D 190 -4.66 -33.37 7.26
N CYS D 191 -5.04 -32.09 7.14
CA CYS D 191 -4.96 -31.07 8.22
C CYS D 191 -6.08 -31.24 9.23
N CYS D 192 -7.26 -31.67 8.76
CA CYS D 192 -8.58 -31.35 9.36
C CYS D 192 -9.57 -32.50 9.14
N PRO D 193 -10.47 -32.79 10.11
CA PRO D 193 -11.39 -33.93 10.01
C PRO D 193 -12.59 -33.72 9.08
N GLU D 194 -12.98 -32.46 8.84
CA GLU D 194 -14.21 -32.09 8.07
C GLU D 194 -13.80 -31.76 6.62
N ALA D 195 -14.68 -32.07 5.65
CA ALA D 195 -14.46 -31.82 4.20
C ALA D 195 -14.60 -30.32 3.90
N TYR D 196 -13.78 -29.80 2.99
CA TYR D 196 -13.84 -28.41 2.47
C TYR D 196 -14.33 -28.45 1.02
N GLU D 197 -15.22 -27.51 0.65
CA GLU D 197 -15.83 -27.45 -0.70
C GLU D 197 -15.11 -26.37 -1.53
N ASP D 198 -14.99 -26.62 -2.84
CA ASP D 198 -14.41 -25.67 -3.83
C ASP D 198 -15.20 -25.75 -5.13
N VAL D 199 -15.25 -24.66 -5.89
CA VAL D 199 -15.66 -24.66 -7.32
C VAL D 199 -14.38 -24.65 -8.15
N GLU D 200 -14.28 -25.59 -9.09
CA GLU D 200 -13.17 -25.73 -10.06
C GLU D 200 -13.66 -25.20 -11.41
N VAL D 201 -13.03 -24.12 -11.89
CA VAL D 201 -13.42 -23.40 -13.13
C VAL D 201 -12.39 -23.75 -14.20
N SER D 202 -12.82 -24.46 -15.24
CA SER D 202 -11.98 -24.89 -16.38
C SER D 202 -12.12 -23.87 -17.52
N LEU D 203 -11.11 -23.04 -17.70
CA LEU D 203 -11.03 -22.04 -18.80
C LEU D 203 -10.31 -22.69 -20.00
N ASN D 204 -11.07 -23.04 -21.05
CA ASN D 204 -10.54 -23.56 -22.33
C ASN D 204 -10.39 -22.37 -23.28
N PHE D 205 -9.14 -21.96 -23.57
CA PHE D 205 -8.82 -20.74 -24.33
C PHE D 205 -7.64 -20.99 -25.27
N ARG D 206 -7.48 -20.14 -26.28
CA ARG D 206 -6.37 -20.23 -27.27
C ARG D 206 -6.11 -18.85 -27.89
N LYS D 207 -4.89 -18.65 -28.40
CA LYS D 207 -4.50 -17.48 -29.22
C LYS D 207 -5.37 -17.42 -30.48
N LYS D 208 -5.68 -16.20 -30.95
CA LYS D 208 -6.32 -15.93 -32.26
C LYS D 208 -5.22 -15.76 -33.31
N GLY D 209 -5.44 -16.26 -34.53
CA GLY D 209 -4.48 -16.20 -35.65
C GLY D 209 -3.43 -17.31 -35.56
N ALA E 5 -23.12 -20.32 23.95
CA ALA E 5 -23.71 -19.11 23.31
C ALA E 5 -23.55 -19.19 21.78
N ASP E 6 -24.22 -18.30 21.05
CA ASP E 6 -24.09 -18.14 19.58
C ASP E 6 -22.65 -17.76 19.26
N ARG E 7 -22.20 -17.99 18.03
CA ARG E 7 -20.79 -17.73 17.59
C ARG E 7 -20.45 -16.25 17.79
N ALA E 8 -21.46 -15.37 17.76
CA ALA E 8 -21.34 -13.91 17.96
C ALA E 8 -20.79 -13.61 19.36
N ASP E 9 -21.29 -14.33 20.38
CA ASP E 9 -20.87 -14.18 21.80
C ASP E 9 -19.44 -14.70 21.96
N ILE E 10 -19.14 -15.87 21.38
CA ILE E 10 -17.79 -16.49 21.42
C ILE E 10 -16.78 -15.50 20.81
N LEU E 11 -17.12 -14.91 19.67
CA LEU E 11 -16.22 -14.00 18.91
C LEU E 11 -16.10 -12.66 19.63
N TYR E 12 -17.22 -12.11 20.13
CA TYR E 12 -17.24 -10.88 20.97
C TYR E 12 -16.35 -11.08 22.21
N ASN E 13 -16.41 -12.26 22.83
CA ASN E 13 -15.63 -12.58 24.06
C ASN E 13 -14.14 -12.73 23.71
N ILE E 14 -13.80 -13.47 22.65
CA ILE E 14 -12.39 -13.68 22.19
C ILE E 14 -11.71 -12.32 22.07
N ARG E 15 -12.30 -11.40 21.31
CA ARG E 15 -11.67 -10.09 20.97
C ARG E 15 -11.79 -9.15 22.17
N GLN E 16 -12.75 -9.40 23.07
CA GLN E 16 -12.95 -8.67 24.36
C GLN E 16 -11.74 -8.92 25.26
N THR E 17 -11.39 -10.18 25.53
CA THR E 17 -10.31 -10.56 26.48
C THR E 17 -8.94 -10.57 25.78
N SER E 18 -8.88 -10.95 24.49
CA SER E 18 -7.63 -11.02 23.69
C SER E 18 -6.85 -9.70 23.81
N ARG E 19 -5.53 -9.77 23.98
CA ARG E 19 -4.61 -8.61 24.05
C ARG E 19 -3.55 -8.76 22.97
N PRO E 20 -3.79 -8.26 21.74
CA PRO E 20 -2.88 -8.47 20.62
C PRO E 20 -1.41 -8.07 20.85
N ASP E 21 -1.17 -7.11 21.76
CA ASP E 21 0.16 -6.52 22.01
C ASP E 21 0.81 -7.14 23.27
N VAL E 22 0.20 -8.14 23.88
CA VAL E 22 0.71 -8.81 25.12
C VAL E 22 0.88 -10.31 24.83
N ILE E 23 2.09 -10.83 24.99
CA ILE E 23 2.41 -12.27 24.79
C ILE E 23 1.66 -13.08 25.86
N PRO E 24 0.80 -14.04 25.47
CA PRO E 24 -0.03 -14.77 26.43
C PRO E 24 0.74 -15.92 27.10
N THR E 25 1.77 -15.58 27.88
CA THR E 25 2.58 -16.56 28.66
C THR E 25 1.75 -17.13 29.79
N GLN E 26 2.07 -18.36 30.20
CA GLN E 26 1.45 -19.09 31.35
C GLN E 26 2.56 -19.47 32.33
N ARG E 27 2.44 -19.03 33.59
CA ARG E 27 3.33 -19.39 34.74
C ARG E 27 4.80 -19.31 34.32
N ASP E 28 5.19 -18.18 33.69
CA ASP E 28 6.58 -17.86 33.28
C ASP E 28 7.16 -18.95 32.36
N ARG E 29 6.30 -19.67 31.62
CA ARG E 29 6.72 -20.62 30.56
C ARG E 29 6.70 -19.87 29.22
N PRO E 30 7.51 -20.29 28.22
CA PRO E 30 7.47 -19.68 26.90
C PRO E 30 6.19 -20.10 26.16
N VAL E 31 5.65 -19.20 25.34
CA VAL E 31 4.56 -19.51 24.36
C VAL E 31 5.18 -20.44 23.31
N ALA E 32 4.77 -21.71 23.29
CA ALA E 32 5.30 -22.76 22.39
C ALA E 32 4.66 -22.59 21.01
N VAL E 33 5.43 -22.09 20.05
CA VAL E 33 4.97 -21.90 18.64
C VAL E 33 5.47 -23.07 17.81
N SER E 34 4.57 -23.71 17.06
CA SER E 34 4.90 -24.73 16.02
C SER E 34 4.92 -24.03 14.66
N VAL E 35 5.96 -24.27 13.87
CA VAL E 35 6.15 -23.65 12.52
C VAL E 35 6.35 -24.78 11.50
N SER E 36 5.74 -24.64 10.33
CA SER E 36 5.81 -25.61 9.20
C SER E 36 5.57 -24.87 7.88
N LEU E 37 6.50 -25.01 6.93
CA LEU E 37 6.35 -24.48 5.55
C LEU E 37 5.87 -25.60 4.63
N LYS E 38 4.67 -25.43 4.05
CA LYS E 38 4.14 -26.28 2.95
C LYS E 38 4.34 -25.51 1.64
N PHE E 39 5.26 -25.99 0.81
CA PHE E 39 5.68 -25.34 -0.46
C PHE E 39 4.64 -25.64 -1.55
N ILE E 40 4.06 -24.58 -2.12
CA ILE E 40 3.02 -24.64 -3.17
C ILE E 40 3.65 -24.36 -4.53
N ASN E 41 4.62 -23.44 -4.61
CA ASN E 41 5.22 -23.04 -5.91
C ASN E 41 6.57 -22.34 -5.73
N ILE E 42 7.47 -22.56 -6.68
CA ILE E 42 8.69 -21.75 -6.93
C ILE E 42 8.50 -21.06 -8.28
N LEU E 43 8.51 -19.72 -8.30
CA LEU E 43 8.07 -18.87 -9.45
C LEU E 43 9.29 -18.35 -10.22
N GLU E 44 10.29 -17.83 -9.51
CA GLU E 44 11.55 -17.32 -10.12
C GLU E 44 12.73 -17.83 -9.27
N VAL E 45 13.80 -18.22 -9.95
CA VAL E 45 15.10 -18.67 -9.38
C VAL E 45 16.20 -17.98 -10.20
N ASN E 46 17.24 -17.50 -9.52
CA ASN E 46 18.39 -16.81 -10.17
C ASN E 46 19.68 -17.32 -9.52
N GLU E 47 20.45 -18.13 -10.25
CA GLU E 47 21.69 -18.80 -9.76
C GLU E 47 22.81 -17.77 -9.62
N ILE E 48 22.81 -16.73 -10.46
CA ILE E 48 23.83 -15.64 -10.45
C ILE E 48 23.68 -14.83 -9.15
N THR E 49 22.45 -14.45 -8.80
CA THR E 49 22.15 -13.54 -7.65
C THR E 49 21.88 -14.35 -6.38
N ASN E 50 21.60 -15.66 -6.50
CA ASN E 50 21.24 -16.55 -5.37
C ASN E 50 19.95 -16.04 -4.70
N GLU E 51 18.90 -15.83 -5.51
CA GLU E 51 17.57 -15.38 -5.04
C GLU E 51 16.51 -16.33 -5.59
N VAL E 52 15.52 -16.64 -4.76
CA VAL E 52 14.34 -17.49 -5.10
C VAL E 52 13.07 -16.75 -4.70
N ASP E 53 12.03 -16.85 -5.54
CA ASP E 53 10.68 -16.30 -5.30
C ASP E 53 9.76 -17.50 -5.07
N VAL E 54 9.23 -17.64 -3.85
CA VAL E 54 8.52 -18.86 -3.35
C VAL E 54 7.11 -18.48 -2.90
N VAL E 55 6.13 -19.35 -3.18
CA VAL E 55 4.76 -19.34 -2.59
C VAL E 55 4.68 -20.54 -1.64
N PHE E 56 4.34 -20.32 -0.37
CA PHE E 56 4.35 -21.35 0.70
C PHE E 56 3.31 -20.98 1.77
N TRP E 57 2.71 -21.98 2.41
CA TRP E 57 1.89 -21.77 3.63
C TRP E 57 2.83 -21.73 4.84
N GLN E 58 2.79 -20.65 5.61
CA GLN E 58 3.53 -20.51 6.89
C GLN E 58 2.59 -20.98 8.02
N GLN E 59 2.60 -22.29 8.28
CA GLN E 59 1.68 -22.95 9.24
C GLN E 59 2.18 -22.66 10.66
N THR E 60 1.45 -21.82 11.39
CA THR E 60 1.80 -21.33 12.76
C THR E 60 0.67 -21.70 13.72
N THR E 61 0.99 -22.49 14.76
CA THR E 61 0.04 -22.92 15.81
C THR E 61 0.62 -22.57 17.19
N TRP E 62 -0.25 -22.16 18.13
CA TRP E 62 0.10 -21.86 19.55
C TRP E 62 -1.18 -21.86 20.38
N SER E 63 -1.05 -21.84 21.71
CA SER E 63 -2.16 -21.75 22.69
C SER E 63 -2.23 -20.35 23.29
N ASP E 64 -3.44 -19.79 23.40
CA ASP E 64 -3.76 -18.61 24.25
C ASP E 64 -4.95 -19.02 25.14
N ARG E 65 -4.66 -19.71 26.24
CA ARG E 65 -5.66 -20.38 27.12
C ARG E 65 -6.66 -19.36 27.69
N THR E 66 -6.34 -18.07 27.66
CA THR E 66 -7.25 -16.97 28.12
C THR E 66 -8.39 -16.77 27.11
N LEU E 67 -8.32 -17.38 25.93
CA LEU E 67 -9.40 -17.35 24.91
C LEU E 67 -10.35 -18.55 25.10
N ALA E 68 -9.94 -19.58 25.85
CA ALA E 68 -10.71 -20.82 26.11
C ALA E 68 -12.15 -20.47 26.53
N TRP E 69 -13.13 -21.16 25.95
CA TRP E 69 -14.57 -21.10 26.32
C TRP E 69 -15.11 -22.53 26.41
N ASN E 70 -16.18 -22.71 27.19
CA ASN E 70 -16.86 -24.03 27.36
C ASN E 70 -17.70 -24.29 26.12
N SER E 71 -17.42 -25.39 25.41
CA SER E 71 -18.02 -25.76 24.10
C SER E 71 -18.71 -27.13 24.19
N SER E 72 -19.39 -27.40 25.32
CA SER E 72 -20.16 -28.65 25.54
C SER E 72 -21.42 -28.62 24.66
N HIS E 73 -22.06 -27.44 24.56
CA HIS E 73 -23.29 -27.18 23.75
C HIS E 73 -22.98 -26.26 22.55
N SER E 74 -21.85 -25.56 22.57
CA SER E 74 -21.47 -24.50 21.59
C SER E 74 -20.62 -25.08 20.47
N PRO E 75 -20.45 -24.34 19.35
CA PRO E 75 -19.40 -24.63 18.37
C PRO E 75 -18.00 -24.57 19.03
N ASP E 76 -17.15 -25.57 18.77
CA ASP E 76 -15.85 -25.74 19.47
C ASP E 76 -14.73 -25.04 18.69
N GLN E 77 -15.02 -24.54 17.47
CA GLN E 77 -14.06 -23.78 16.63
C GLN E 77 -14.75 -22.56 16.02
N VAL E 78 -14.01 -21.47 15.84
CA VAL E 78 -14.47 -20.25 15.11
C VAL E 78 -13.30 -19.68 14.31
N SER E 79 -13.60 -18.97 13.23
CA SER E 79 -12.65 -18.17 12.42
C SER E 79 -12.64 -16.75 12.97
N VAL E 80 -11.46 -16.21 13.24
CA VAL E 80 -11.25 -14.87 13.85
C VAL E 80 -10.21 -14.12 13.02
N PRO E 81 -10.42 -12.81 12.74
CA PRO E 81 -9.40 -11.99 12.10
C PRO E 81 -8.14 -11.94 12.99
N ILE E 82 -6.95 -12.16 12.44
CA ILE E 82 -5.68 -12.17 13.23
C ILE E 82 -5.48 -10.82 13.93
N SER E 83 -6.00 -9.73 13.36
CA SER E 83 -5.92 -8.36 13.92
C SER E 83 -6.47 -8.34 15.35
N SER E 84 -7.38 -9.25 15.69
CA SER E 84 -8.02 -9.36 17.02
C SER E 84 -7.16 -10.20 17.99
N LEU E 85 -6.18 -10.96 17.46
CA LEU E 85 -5.36 -11.93 18.23
C LEU E 85 -3.93 -11.43 18.39
N TRP E 86 -3.28 -11.80 19.48
CA TRP E 86 -1.79 -11.81 19.56
C TRP E 86 -1.28 -12.85 18.55
N VAL E 87 -0.26 -12.47 17.77
CA VAL E 87 0.39 -13.34 16.76
C VAL E 87 1.89 -13.34 17.07
N PRO E 88 2.60 -14.47 16.95
CA PRO E 88 4.05 -14.48 17.18
C PRO E 88 4.75 -13.56 16.16
N ASP E 89 5.77 -12.83 16.59
CA ASP E 89 6.48 -11.83 15.73
C ASP E 89 7.54 -12.56 14.89
N LEU E 90 7.12 -13.57 14.12
CA LEU E 90 8.03 -14.40 13.30
C LEU E 90 8.52 -13.58 12.10
N ALA E 91 9.79 -13.79 11.72
CA ALA E 91 10.45 -13.21 10.52
C ALA E 91 11.30 -14.30 9.88
N ALA E 92 11.29 -14.36 8.54
CA ALA E 92 12.26 -15.15 7.74
C ALA E 92 13.56 -14.36 7.70
N TYR E 93 14.57 -14.85 8.40
CA TYR E 93 15.84 -14.13 8.69
C TYR E 93 16.55 -13.76 7.39
N ASN E 94 16.39 -14.58 6.33
CA ASN E 94 17.12 -14.44 5.04
C ASN E 94 16.15 -14.06 3.91
N ALA E 95 14.96 -13.57 4.25
CA ALA E 95 14.01 -12.98 3.27
C ALA E 95 14.56 -11.63 2.81
N ILE E 96 14.34 -11.27 1.54
CA ILE E 96 14.83 -9.99 0.93
C ILE E 96 13.63 -9.19 0.39
N SER E 97 12.42 -9.62 0.73
CA SER E 97 11.15 -8.88 0.48
C SER E 97 10.20 -9.11 1.67
N LYS E 98 9.29 -8.16 1.92
CA LYS E 98 8.23 -8.32 2.95
C LYS E 98 7.28 -9.40 2.48
N PRO E 99 6.71 -10.20 3.41
CA PRO E 99 5.83 -11.30 3.02
C PRO E 99 4.57 -10.75 2.35
N GLU E 100 4.24 -11.27 1.16
CA GLU E 100 2.99 -10.95 0.43
C GLU E 100 1.93 -12.00 0.80
N VAL E 101 0.99 -11.64 1.68
CA VAL E 101 -0.10 -12.55 2.15
C VAL E 101 -1.17 -12.61 1.06
N LEU E 102 -1.41 -13.80 0.50
CA LEU E 102 -2.32 -14.03 -0.64
C LEU E 102 -3.74 -14.35 -0.13
N THR E 103 -3.85 -14.87 1.09
CA THR E 103 -5.09 -15.49 1.63
C THR E 103 -5.80 -14.56 2.62
N PRO E 104 -7.12 -14.74 2.82
CA PRO E 104 -7.86 -14.05 3.88
C PRO E 104 -7.16 -14.18 5.24
N GLN E 105 -7.11 -13.08 5.99
CA GLN E 105 -6.28 -12.94 7.21
C GLN E 105 -7.12 -13.35 8.43
N LEU E 106 -7.52 -14.62 8.46
CA LEU E 106 -8.34 -15.25 9.52
C LEU E 106 -7.56 -16.43 10.12
N ALA E 107 -7.51 -16.51 11.44
CA ALA E 107 -7.01 -17.69 12.19
C ALA E 107 -8.20 -18.58 12.56
N ARG E 108 -7.93 -19.85 12.79
CA ARG E 108 -8.90 -20.83 13.37
C ARG E 108 -8.58 -20.95 14.87
N VAL E 109 -9.52 -20.55 15.73
CA VAL E 109 -9.40 -20.61 17.22
C VAL E 109 -10.30 -21.73 17.75
N VAL E 110 -9.69 -22.72 18.42
CA VAL E 110 -10.38 -23.90 19.02
C VAL E 110 -10.78 -23.56 20.45
N SER E 111 -11.76 -24.27 21.02
CA SER E 111 -12.40 -24.00 22.34
C SER E 111 -11.41 -24.11 23.49
N ASP E 112 -10.29 -24.83 23.33
CA ASP E 112 -9.26 -25.04 24.38
C ASP E 112 -8.21 -23.91 24.32
N GLY E 113 -8.30 -23.01 23.34
CA GLY E 113 -7.44 -21.81 23.22
C GLY E 113 -6.38 -21.95 22.14
N GLU E 114 -6.32 -23.10 21.45
CA GLU E 114 -5.38 -23.34 20.33
C GLU E 114 -5.70 -22.36 19.19
N VAL E 115 -4.67 -21.76 18.59
CA VAL E 115 -4.79 -20.84 17.42
C VAL E 115 -4.04 -21.46 16.25
N LEU E 116 -4.72 -21.60 15.11
CA LEU E 116 -4.12 -22.06 13.82
C LEU E 116 -4.19 -20.90 12.82
N TYR E 117 -3.03 -20.32 12.48
CA TYR E 117 -2.88 -19.27 11.45
C TYR E 117 -1.98 -19.80 10.33
N MET E 118 -2.56 -20.12 9.17
CA MET E 118 -1.86 -20.75 8.02
C MET E 118 -1.96 -19.85 6.79
N PRO E 119 -1.37 -18.63 6.81
CA PRO E 119 -1.43 -17.75 5.65
C PRO E 119 -0.65 -18.33 4.47
N SER E 120 -1.16 -18.15 3.24
CA SER E 120 -0.38 -18.40 2.00
C SER E 120 0.42 -17.12 1.69
N ILE E 121 1.74 -17.25 1.57
CA ILE E 121 2.68 -16.12 1.46
C ILE E 121 3.50 -16.27 0.17
N ARG E 122 3.69 -15.18 -0.58
CA ARG E 122 4.72 -15.06 -1.63
C ARG E 122 5.84 -14.18 -1.08
N GLN E 123 7.09 -14.67 -1.12
CA GLN E 123 8.26 -13.95 -0.54
C GLN E 123 9.53 -14.32 -1.31
N ARG E 124 10.49 -13.40 -1.38
CA ARG E 124 11.82 -13.60 -1.99
C ARG E 124 12.85 -13.86 -0.89
N PHE E 125 13.78 -14.77 -1.14
CA PHE E 125 14.82 -15.21 -0.18
C PHE E 125 16.20 -15.17 -0.82
N SER E 126 17.21 -14.89 0.01
CA SER E 126 18.66 -15.07 -0.29
C SER E 126 19.07 -16.44 0.25
N CYS E 127 19.48 -17.35 -0.62
CA CYS E 127 19.88 -18.74 -0.27
C CYS E 127 20.61 -19.40 -1.45
N ASP E 128 21.20 -20.58 -1.21
CA ASP E 128 22.04 -21.29 -2.21
C ASP E 128 21.13 -21.80 -3.35
N VAL E 129 21.29 -21.24 -4.55
CA VAL E 129 20.56 -21.66 -5.78
C VAL E 129 21.48 -22.53 -6.64
N SER E 130 22.78 -22.58 -6.34
CA SER E 130 23.79 -23.37 -7.08
C SER E 130 23.34 -24.83 -7.14
N GLY E 131 23.32 -25.43 -8.34
CA GLY E 131 23.03 -26.86 -8.58
C GLY E 131 21.59 -27.08 -9.05
N VAL E 132 20.82 -26.02 -9.25
CA VAL E 132 19.36 -26.11 -9.55
C VAL E 132 19.13 -26.85 -10.87
N ASP E 133 20.03 -26.72 -11.85
CA ASP E 133 19.89 -27.34 -13.20
C ASP E 133 20.54 -28.73 -13.23
N THR E 134 21.10 -29.19 -12.09
CA THR E 134 21.72 -30.53 -11.94
C THR E 134 20.73 -31.52 -11.34
N GLU E 135 21.08 -32.80 -11.32
CA GLU E 135 20.23 -33.95 -10.89
C GLU E 135 20.07 -33.95 -9.36
N SER E 136 21.13 -33.56 -8.63
CA SER E 136 21.14 -33.43 -7.15
C SER E 136 20.29 -32.22 -6.72
N GLY E 137 20.28 -31.17 -7.56
CA GLY E 137 19.48 -29.95 -7.35
C GLY E 137 20.18 -28.95 -6.45
N ALA E 138 19.50 -27.85 -6.12
CA ALA E 138 19.94 -26.82 -5.16
C ALA E 138 19.23 -27.06 -3.82
N THR E 139 19.85 -26.68 -2.71
CA THR E 139 19.25 -26.73 -1.35
C THR E 139 19.19 -25.31 -0.78
N CYS E 140 18.02 -24.68 -0.87
CA CYS E 140 17.71 -23.33 -0.33
C CYS E 140 17.23 -23.47 1.12
N ARG E 141 17.97 -22.91 2.07
CA ARG E 141 17.66 -22.96 3.53
C ARG E 141 16.96 -21.66 3.93
N ILE E 142 15.77 -21.78 4.52
CA ILE E 142 14.95 -20.64 5.04
C ILE E 142 14.87 -20.76 6.55
N LYS E 143 15.41 -19.77 7.28
CA LYS E 143 15.39 -19.68 8.76
C LYS E 143 14.25 -18.76 9.18
N ILE E 144 13.41 -19.21 10.12
CA ILE E 144 12.22 -18.48 10.63
C ILE E 144 12.23 -18.55 12.16
N GLY E 145 12.15 -17.38 12.81
CA GLY E 145 12.21 -17.25 14.27
C GLY E 145 11.59 -15.94 14.74
N SER E 146 11.45 -15.77 16.05
CA SER E 146 10.97 -14.52 16.68
C SER E 146 12.00 -13.41 16.44
N TRP E 147 11.52 -12.17 16.26
CA TRP E 147 12.39 -10.98 16.07
C TRP E 147 12.80 -10.41 17.44
N THR E 148 11.90 -10.41 18.43
CA THR E 148 12.10 -9.70 19.73
C THR E 148 11.90 -10.60 20.95
N HIS E 149 11.50 -11.87 20.79
CA HIS E 149 11.19 -12.80 21.92
C HIS E 149 12.21 -13.93 21.96
N HIS E 150 13.02 -13.99 23.02
CA HIS E 150 14.03 -15.05 23.28
C HIS E 150 13.33 -16.34 23.72
N SER E 151 14.11 -17.38 24.02
CA SER E 151 13.66 -18.78 24.23
C SER E 151 12.77 -18.95 25.48
N ARG E 152 12.88 -18.04 26.46
CA ARG E 152 12.07 -18.09 27.71
C ARG E 152 10.70 -17.43 27.47
N GLU E 153 10.51 -16.80 26.30
CA GLU E 153 9.27 -16.05 25.94
C GLU E 153 8.58 -16.72 24.76
N ILE E 154 9.31 -17.07 23.71
CA ILE E 154 8.81 -17.88 22.55
C ILE E 154 9.80 -19.01 22.27
N SER E 155 9.29 -20.24 22.20
CA SER E 155 9.99 -21.41 21.62
C SER E 155 9.37 -21.70 20.24
N VAL E 156 10.20 -22.06 19.26
CA VAL E 156 9.73 -22.43 17.89
C VAL E 156 10.29 -23.82 17.55
N ASP E 157 9.41 -24.79 17.36
CA ASP E 157 9.75 -26.16 16.88
C ASP E 157 9.05 -26.40 15.56
N PRO E 158 9.59 -27.31 14.71
CA PRO E 158 8.83 -27.80 13.56
C PRO E 158 7.72 -28.74 14.08
N THR E 159 6.57 -28.75 13.42
CA THR E 159 5.46 -29.70 13.70
C THR E 159 6.00 -31.12 13.50
N THR E 160 5.52 -32.08 14.30
CA THR E 160 5.93 -33.52 14.24
C THR E 160 5.47 -34.14 12.92
N GLU E 161 4.66 -33.43 12.12
CA GLU E 161 4.09 -33.90 10.83
C GLU E 161 5.17 -33.89 9.74
N ASN E 162 5.87 -35.01 9.57
CA ASN E 162 6.80 -35.26 8.44
C ASN E 162 5.99 -35.82 7.25
N SER E 163 5.09 -34.98 6.70
CA SER E 163 4.17 -35.32 5.58
C SER E 163 4.96 -35.44 4.27
N ASP E 164 4.26 -35.68 3.16
CA ASP E 164 4.85 -35.63 1.79
C ASP E 164 5.38 -34.21 1.57
N ASP E 165 6.66 -34.10 1.23
CA ASP E 165 7.37 -32.80 1.05
C ASP E 165 6.70 -32.04 -0.10
N SER E 166 6.44 -32.75 -1.21
CA SER E 166 5.85 -32.22 -2.46
C SER E 166 4.33 -32.49 -2.48
N GLU E 167 3.66 -32.40 -1.33
CA GLU E 167 2.25 -32.86 -1.15
C GLU E 167 1.30 -31.97 -1.96
N TYR E 168 1.38 -30.65 -1.74
CA TYR E 168 0.51 -29.63 -2.37
C TYR E 168 1.30 -28.77 -3.36
N PHE E 169 2.57 -29.12 -3.63
CA PHE E 169 3.44 -28.38 -4.59
C PHE E 169 2.87 -28.55 -5.99
N SER E 170 2.72 -27.44 -6.74
CA SER E 170 2.11 -27.39 -8.09
C SER E 170 2.84 -28.36 -9.03
N GLN E 171 2.07 -29.21 -9.73
CA GLN E 171 2.54 -30.06 -10.85
C GLN E 171 2.96 -29.18 -12.05
N TYR E 172 2.52 -27.92 -12.09
CA TYR E 172 2.68 -26.99 -13.24
C TYR E 172 3.87 -26.05 -13.03
N SER E 173 4.56 -26.14 -11.89
CA SER E 173 5.85 -25.44 -11.65
C SER E 173 6.87 -25.89 -12.70
N ARG E 174 7.89 -25.06 -12.97
CA ARG E 174 9.08 -25.44 -13.78
C ARG E 174 9.94 -26.39 -12.94
N PHE E 175 9.89 -26.23 -11.62
CA PHE E 175 10.76 -26.93 -10.64
C PHE E 175 9.98 -28.08 -9.99
N GLU E 176 10.72 -29.04 -9.40
CA GLU E 176 10.18 -30.18 -8.61
C GLU E 176 10.94 -30.23 -7.28
N ILE E 177 10.27 -30.64 -6.20
CA ILE E 177 10.88 -30.79 -4.85
C ILE E 177 11.37 -32.22 -4.70
N LEU E 178 12.65 -32.39 -4.34
CA LEU E 178 13.31 -33.69 -4.08
C LEU E 178 13.11 -34.05 -2.60
N ASP E 179 13.44 -33.11 -1.70
CA ASP E 179 13.41 -33.31 -0.22
C ASP E 179 13.12 -31.99 0.48
N VAL E 180 12.44 -32.06 1.63
CA VAL E 180 12.23 -30.92 2.59
C VAL E 180 12.44 -31.47 4.01
N THR E 181 13.47 -31.00 4.71
CA THR E 181 13.78 -31.36 6.13
C THR E 181 13.70 -30.09 6.97
N GLN E 182 13.13 -30.20 8.17
CA GLN E 182 12.97 -29.08 9.14
C GLN E 182 13.69 -29.45 10.45
N LYS E 183 14.70 -28.66 10.83
CA LYS E 183 15.45 -28.82 12.10
C LYS E 183 15.37 -27.52 12.91
N LYS E 184 15.27 -27.65 14.23
CA LYS E 184 15.22 -26.53 15.22
C LYS E 184 16.65 -26.17 15.64
N ASN E 185 16.93 -24.88 15.81
CA ASN E 185 18.21 -24.37 16.37
C ASN E 185 17.91 -23.52 17.60
N SER E 186 18.83 -23.57 18.58
CA SER E 186 18.90 -22.65 19.75
C SER E 186 20.27 -21.98 19.73
N VAL E 187 20.32 -20.70 19.40
CA VAL E 187 21.57 -19.91 19.15
C VAL E 187 21.60 -18.74 20.13
N THR E 188 22.78 -18.47 20.69
CA THR E 188 23.09 -17.23 21.44
C THR E 188 23.90 -16.31 20.52
N TYR E 189 23.59 -15.01 20.53
CA TYR E 189 24.17 -13.98 19.64
C TYR E 189 24.87 -12.91 20.48
N SER E 190 25.72 -12.10 19.86
CA SER E 190 26.57 -11.07 20.51
C SER E 190 25.71 -10.06 21.27
N CYS E 191 24.60 -9.61 20.66
CA CYS E 191 23.65 -8.61 21.21
C CYS E 191 23.23 -9.00 22.64
N CYS E 192 22.86 -10.27 22.83
CA CYS E 192 21.89 -10.71 23.85
C CYS E 192 22.40 -11.94 24.60
N PRO E 193 22.36 -11.94 25.95
CA PRO E 193 22.77 -13.10 26.74
C PRO E 193 21.78 -14.28 26.66
N GLU E 194 20.54 -14.01 26.24
CA GLU E 194 19.46 -15.03 26.15
C GLU E 194 19.51 -15.67 24.77
N ALA E 195 19.20 -16.97 24.68
CA ALA E 195 19.18 -17.75 23.42
C ALA E 195 17.90 -17.44 22.64
N TYR E 196 17.98 -17.47 21.31
CA TYR E 196 16.85 -17.28 20.37
C TYR E 196 16.68 -18.59 19.58
N GLU E 197 15.43 -19.00 19.38
CA GLU E 197 15.08 -20.27 18.68
C GLU E 197 14.59 -19.95 17.26
N ASP E 198 14.96 -20.81 16.31
CA ASP E 198 14.54 -20.72 14.89
C ASP E 198 14.33 -22.12 14.32
N VAL E 199 13.39 -22.26 13.38
CA VAL E 199 13.24 -23.47 12.52
C VAL E 199 13.97 -23.19 11.20
N GLU E 200 14.91 -24.06 10.83
CA GLU E 200 15.61 -24.01 9.52
C GLU E 200 14.93 -25.02 8.59
N VAL E 201 14.30 -24.53 7.52
CA VAL E 201 13.67 -25.38 6.46
C VAL E 201 14.66 -25.48 5.29
N SER E 202 15.11 -26.70 4.98
CA SER E 202 16.03 -27.01 3.87
C SER E 202 15.23 -27.54 2.68
N LEU E 203 15.09 -26.71 1.63
CA LEU E 203 14.33 -27.03 0.39
C LEU E 203 15.32 -27.51 -0.68
N ASN E 204 15.38 -28.82 -0.91
CA ASN E 204 16.13 -29.46 -2.03
C ASN E 204 15.17 -29.55 -3.22
N PHE E 205 15.43 -28.77 -4.28
CA PHE E 205 14.60 -28.67 -5.50
C PHE E 205 15.52 -28.60 -6.72
N ARG E 206 14.95 -28.80 -7.93
CA ARG E 206 15.68 -28.66 -9.21
C ARG E 206 14.69 -28.44 -10.36
N LYS E 207 15.18 -27.90 -11.48
CA LYS E 207 14.39 -27.73 -12.72
C LYS E 207 14.05 -29.12 -13.27
N LYS E 208 12.81 -29.31 -13.73
CA LYS E 208 12.34 -30.56 -14.40
C LYS E 208 12.97 -30.62 -15.79
N GLY E 209 13.35 -31.82 -16.25
CA GLY E 209 14.02 -32.05 -17.54
C GLY E 209 15.35 -31.30 -17.63
OAV H8U F . 19.15 21.34 5.59
CAP H8U F . 19.43 20.16 5.44
NAO H8U F . 20.57 19.77 4.90
CAN H8U F . 20.55 18.45 4.79
CBA H8U F . 21.44 17.65 4.16
OBF H8U F . 22.52 18.31 3.65
CBE H8U F . 23.48 17.66 2.92
CBD H8U F . 23.49 16.44 2.24
CBC H8U F . 22.49 15.45 2.21
CBG H8U F . 23.11 14.10 1.79
CBH H8U F . 21.38 15.76 1.18
OBB H8U F . 21.96 15.28 3.55
CAZ H8U F . 21.21 16.29 4.10
CAY H8U F . 20.05 15.81 4.69
CAX H8U F . 19.15 16.68 5.30
CAM H8U F . 19.40 17.99 5.34
CAH H8U F . 18.66 19.08 5.88
CAI H8U F . 17.26 19.15 5.28
CAG H8U F . 18.45 19.11 7.46
CBI H8U F . 19.71 19.60 8.19
CBJ H8U F . 18.08 17.74 8.05
CAC H8U F . 17.34 20.19 7.52
CAB H8U F . 16.54 20.46 8.85
CAA H8U F . 15.08 20.69 8.39
CAR H8U F . 15.02 21.53 7.21
OAU H8U F . 14.41 22.60 7.16
NAS H8U F . 15.68 21.07 6.13
CAT H8U F . 15.73 21.83 4.85
CAD H8U F . 16.36 19.80 6.39
CAE H8U F . 15.22 18.85 6.82
NAF H8U F . 14.54 19.36 8.03
CAJ H8U F . 13.08 19.53 7.95
CAK H8U F . 12.75 20.64 8.95
CAL H8U F . 14.10 21.03 9.54
CAQ H8U F . 14.12 22.50 9.99
OAW H8U F . 14.36 20.18 10.64
HAO H8U F . 21.25 20.38 4.49
HBE H8U F . 24.40 18.25 2.79
HBD H8U F . 24.42 16.21 1.72
HBG H8U F . 22.33 13.43 1.47
HBH H8U F . 23.62 13.66 2.66
HBI H8U F . 23.83 14.25 0.98
HBJ H8U F . 21.13 16.83 1.24
HBK H8U F . 20.49 15.17 1.41
HBL H8U F . 21.73 15.52 0.18
HAY H8U F . 19.83 14.75 4.67
HAX H8U F . 18.25 16.28 5.75
HAJ H8U F . 17.15 19.83 4.50
HAI H8U F . 16.75 18.24 5.12
HBM H8U F . 19.63 19.34 9.24
HBN H8U F . 19.82 20.68 8.10
HBO H8U F . 20.60 19.11 7.77
HBQ H8U F . 17.64 17.86 9.04
HBR H8U F . 18.98 17.14 8.15
HBP H8U F . 17.37 17.22 7.42
HAD H8U F . 17.78 21.14 7.28
HAB H8U F . 16.60 19.62 9.53
HAC H8U F . 16.91 21.36 9.33
HAU H8U F . 15.15 22.74 4.90
HAV H8U F . 15.34 21.22 4.04
HAT H8U F . 16.76 22.10 4.61
HAF H8U F . 14.51 18.80 5.99
HAE H8U F . 15.58 17.86 7.02
HAL H8U F . 12.77 19.84 6.96
HAK H8U F . 12.57 18.61 8.23
HAN H8U F . 12.29 21.49 8.43
HAM H8U F . 12.09 20.28 9.73
HAQ H8U F . 14.03 22.55 11.09
HAR H8U F . 13.29 23.05 9.55
HAS H8U F . 15.06 22.96 9.71
HBS H8U F . 14.73 18.72 8.77
C1 NAG G . 11.00 -3.23 44.13
C2 NAG G . 11.53 -2.23 45.14
C3 NAG G . 12.18 -2.98 46.28
C4 NAG G . 11.21 -3.96 46.89
C5 NAG G . 10.49 -4.79 45.84
C6 NAG G . 9.31 -5.48 46.51
C7 NAG G . 12.48 -0.02 44.70
C8 NAG G . 13.55 0.78 44.01
N2 NAG G . 12.50 -1.34 44.53
O3 NAG G . 12.60 -2.06 47.25
O4 NAG G . 11.91 -4.84 47.74
O5 NAG G . 10.02 -4.01 44.76
O6 NAG G . 8.66 -6.27 45.55
O7 NAG G . 11.62 0.54 45.39
H1 NAG G . 11.83 -3.88 43.84
H2 NAG G . 10.68 -1.66 45.50
H3 NAG G . 13.06 -3.50 45.88
H4 NAG G . 10.49 -3.39 47.48
H5 NAG G . 11.19 -5.57 45.49
H61 NAG G . 8.64 -4.74 46.93
H62 NAG G . 9.66 -6.13 47.33
H81 NAG G . 14.37 0.13 43.71
H82 NAG G . 13.93 1.54 44.70
H83 NAG G . 13.14 1.27 43.14
HN2 NAG G . 13.22 -1.77 43.97
OAV H8U H . -8.64 23.42 -14.37
CAP H8U H . -7.48 23.06 -14.20
NAO H8U H . -6.53 23.34 -15.08
CAN H8U H . -5.40 22.81 -14.66
CBA H8U H . -4.21 22.75 -15.31
OBF H8U H . -4.20 23.38 -16.52
CBE H8U H . -3.24 23.10 -17.46
CBD H8U H . -2.13 22.25 -17.45
CBC H8U H . -1.61 21.41 -16.43
CBG H8U H . -0.08 21.34 -16.61
CBH H8U H . -2.19 19.98 -16.50
OBB H8U H . -1.86 21.96 -15.14
CAZ H8U H . -3.15 22.11 -14.71
CAY H8U H . -3.35 21.54 -13.45
CAX H8U H . -4.60 21.61 -12.85
CAM H8U H . -5.61 22.25 -13.44
CAH H8U H . -6.97 22.44 -13.05
CAI H8U H . -7.70 21.10 -12.76
CAG H8U H . -7.24 23.35 -11.77
CBI H8U H . -7.12 24.84 -12.10
CBJ H8U H . -6.29 23.05 -10.60
CAC H8U H . -8.71 22.99 -11.54
CAB H8U H . -9.44 23.43 -10.24
CAA H8U H . -10.39 22.26 -9.89
CAR H8U H . -11.03 21.73 -11.06
OAU H8U H . -12.25 21.67 -11.20
NAS H8U H . -10.22 21.28 -12.02
CAT H8U H . -10.72 20.70 -13.30
CAD H8U H . -8.80 21.47 -11.69
CAE H8U H . -8.60 20.71 -10.35
NAF H8U H . -9.52 21.22 -9.31
CAJ H8U H . -10.46 20.25 -8.70
CAK H8U H . -11.67 21.09 -8.24
CAL H8U H . -11.32 22.54 -8.66
CAQ H8U H . -12.58 23.38 -8.96
OAW H8U H . -10.56 23.19 -7.62
HAO H8U H . -6.68 23.76 -15.97
HBE H8U H . -3.37 23.63 -18.40
HBD H8U H . -1.55 22.25 -18.38
HBG H8U H . 0.21 20.47 -17.19
HBH H8U H . 0.40 21.29 -15.63
HBI H8U H . 0.29 22.24 -17.12
HBJ H8U H . -3.26 20.02 -16.70
HBK H8U H . -2.03 19.47 -15.55
HBL H8U H . -1.70 19.41 -17.30
HAY H8U H . -2.55 21.03 -12.95
HAX H8U H . -4.74 21.15 -11.87
HAJ H8U H . -8.28 20.74 -13.55
HAI H8U H . -7.17 20.36 -12.27
HBM H8U H . -7.00 25.40 -11.17
HBN H8U H . -8.01 25.21 -12.61
HBO H8U H . -6.25 25.02 -12.73
HBQ H8U H . -6.70 23.45 -9.67
HBR H8U H . -5.34 23.54 -10.78
HBP H8U H . -6.12 21.99 -10.48
HAD H8U H . -9.29 23.44 -12.33
HAB H8U H . -8.74 23.61 -9.43
HAC H8U H . -10.03 24.33 -10.43
HAU H8U H . -11.80 20.64 -13.30
HAV H8U H . -10.32 19.71 -13.46
HAT H8U H . -10.42 21.34 -14.14
HAF H8U H . -8.81 19.66 -10.52
HAE H8U H . -7.58 20.79 -9.99
HAL H8U H . -10.77 19.50 -9.41
HAK H8U H . -9.99 19.77 -7.84
HAN H8U H . -12.58 20.74 -8.74
HAM H8U H . -11.78 21.03 -7.16
HAQ H8U H . -12.77 24.05 -8.13
HAR H8U H . -13.45 22.73 -9.10
HAS H8U H . -12.43 23.96 -9.86
HBS H8U H . -8.97 21.61 -8.56
C1 NAG I . 3.11 35.18 27.70
C2 NAG I . 2.23 36.41 27.56
C3 NAG I . 2.77 37.55 28.42
C4 NAG I . 2.95 37.07 29.86
C5 NAG I . 3.74 35.76 29.92
C6 NAG I . 3.75 35.20 31.35
C7 NAG I . 1.00 37.13 25.54
C8 NAG I . 1.08 37.48 24.08
N2 NAG I . 2.15 36.78 26.14
O3 NAG I . 1.90 38.65 28.40
O4 NAG I . 3.62 38.06 30.60
O5 NAG I . 3.19 34.79 29.06
O6 NAG I . 4.54 34.03 31.39
O7 NAG I . -0.10 37.20 26.11
H1 NAG I . 4.12 35.42 27.35
H2 NAG I . 1.24 36.16 27.93
H3 NAG I . 3.75 37.84 28.03
H4 NAG I . 1.96 36.91 30.29
H5 NAG I . 4.76 35.96 29.63
H61 NAG I . 2.73 34.99 31.67
H62 NAG I . 4.16 35.94 32.04
H81 NAG I . 2.10 37.37 23.71
H82 NAG I . 0.75 38.52 23.93
H83 NAG I . 0.43 36.81 23.51
HN2 NAG I . 3.01 36.75 25.61
OAV H8U J . -24.08 -7.14 -15.59
CAP H8U J . -23.18 -6.37 -15.92
NAO H8U J . -22.85 -6.17 -17.18
CAN H8U J . -21.81 -5.36 -17.21
CBA H8U J . -21.07 -5.01 -18.29
OBF H8U J . -21.55 -5.52 -19.46
CBE H8U J . -20.74 -5.64 -20.55
CBD H8U J . -19.43 -5.25 -20.80
CBC H8U J . -18.50 -4.59 -20.00
CBG H8U J . -17.63 -3.73 -20.95
CBH H8U J . -17.59 -5.58 -19.28
OBB H8U J . -19.11 -3.70 -19.04
CAZ H8U J . -19.98 -4.19 -18.11
CAY H8U J . -19.67 -3.77 -16.82
CAX H8U J . -20.45 -4.19 -15.75
CAM H8U J . -21.51 -4.98 -15.94
CAH H8U J . -22.45 -5.55 -15.04
CAI H8U J . -21.76 -6.39 -13.98
CAG H8U J . -23.41 -4.53 -14.27
CBI H8U J . -24.59 -4.06 -15.12
CBJ H8U J . -22.70 -3.27 -13.77
CAC H8U J . -23.93 -5.51 -13.17
CAB H8U J . -24.71 -4.97 -11.92
CAA H8U J . -24.18 -5.77 -10.72
CAR H8U J . -24.04 -7.16 -11.04
OAU H8U J . -24.59 -8.05 -10.40
NAS H8U J . -23.25 -7.46 -12.08
CAT H8U J . -23.01 -8.84 -12.55
CAD H8U J . -22.68 -6.24 -12.70
CAE H8U J . -21.93 -5.54 -11.52
NAF H8U J . -22.86 -5.19 -10.43
CAJ H8U J . -22.53 -5.72 -9.08
CAK H8U J . -23.87 -5.89 -8.36
CAL H8U J . -24.92 -5.46 -9.39
CAQ H8U J . -26.25 -6.23 -9.20
OAW H8U J . -25.16 -4.05 -9.26
HAO H8U J . -23.22 -6.68 -17.96
HBE H8U J . -21.21 -6.15 -21.40
HBD H8U J . -19.07 -5.52 -21.80
HBG H8U J . -16.88 -4.34 -21.43
HBH H8U J . -17.14 -2.94 -20.37
HBI H8U J . -18.27 -3.27 -21.71
HBJ H8U J . -18.19 -6.33 -18.77
HBK H8U J . -16.97 -5.06 -18.55
HBL H8U J . -16.94 -6.09 -20.00
HAY H8U J . -18.81 -3.13 -16.65
HAX H8U J . -20.19 -3.86 -14.75
HAJ H8U J . -21.78 -7.42 -14.14
HAI H8U J . -20.82 -6.03 -13.60
HBM H8U J . -25.06 -3.21 -14.63
HBN H8U J . -25.34 -4.84 -15.24
HBO H8U J . -24.23 -3.75 -16.09
HBQ H8U J . -23.29 -2.77 -13.01
HBR H8U J . -22.57 -2.58 -14.62
HBP H8U J . -21.72 -3.51 -13.37
HAD H8U J . -24.59 -6.22 -13.64
HAB H8U J . -24.57 -3.91 -11.79
HAC H8U J . -25.77 -5.18 -12.05
HAU H8U J . -23.51 -9.57 -11.90
HAV H8U J . -21.94 -9.07 -12.55
HAT H8U J . -23.39 -8.97 -13.56
HAF H8U J . -21.16 -6.21 -11.15
HAE H8U J . -21.44 -4.63 -11.85
HAL H8U J . -22.01 -6.67 -9.14
HAK H8U J . -21.92 -5.00 -8.55
HAN H8U J . -24.00 -6.93 -8.07
HAM H8U J . -23.92 -5.25 -7.48
HAQ H8U J . -26.96 -5.58 -8.70
HAR H8U J . -26.11 -7.12 -8.59
HAS H8U J . -26.66 -6.51 -10.17
HBS H8U J . -22.92 -4.20 -10.36
C1 NAG K . -29.80 33.31 4.19
C2 NAG K . -31.29 33.29 3.83
C3 NAG K . -31.87 34.70 3.72
C4 NAG K . -31.41 35.60 4.86
C5 NAG K . -29.91 35.48 5.09
C6 NAG K . -29.43 36.32 6.27
C7 NAG K . -32.53 31.84 2.28
C8 NAG K . -32.53 31.17 0.94
N2 NAG K . -31.45 32.57 2.58
O3 NAG K . -33.28 34.63 3.73
O4 NAG K . -31.75 36.93 4.53
O5 NAG K . -29.60 34.13 5.32
O6 NAG K . -29.63 35.63 7.48
O7 NAG K . -33.50 31.72 3.02
H1 NAG K . -29.26 33.72 3.35
H2 NAG K . -31.82 32.75 4.63
H3 NAG K . -31.53 35.13 2.77
H4 NAG K . -31.95 35.31 5.77
H5 NAG K . -29.40 35.84 4.20
H61 NAG K . -29.96 37.27 6.29
H62 NAG K . -28.36 36.54 6.14
H81 NAG K . -31.58 31.33 0.42
H82 NAG K . -33.36 31.55 0.33
H83 NAG K . -32.65 30.09 1.08
HN2 NAG K . -30.70 32.62 1.92
OAV H8U L . -5.41 -28.34 3.86
CAP H8U L . -5.59 -27.71 2.81
NAO H8U L . -5.41 -28.25 1.61
CAN H8U L . -5.62 -27.32 0.69
CBA H8U L . -5.48 -27.40 -0.66
OBF H8U L . -5.11 -28.64 -1.09
CBE H8U L . -4.50 -28.80 -2.32
CBD H8U L . -4.18 -27.90 -3.34
CBC H8U L . -4.41 -26.53 -3.46
CBG H8U L . -4.54 -26.16 -4.94
CBH H8U L . -3.21 -25.73 -2.89
OBB H8U L . -5.65 -26.17 -2.80
CAZ H8U L . -5.71 -26.30 -1.44
CAY H8U L . -6.08 -25.12 -0.81
CAX H8U L . -6.20 -25.08 0.57
CAM H8U L . -5.98 -26.16 1.31
CAH H8U L . -6.01 -26.38 2.71
CAI H8U L . -5.02 -25.46 3.47
CAG H8U L . -7.44 -26.14 3.40
CBI H8U L . -8.40 -27.32 3.19
CBJ H8U L . -8.18 -24.89 2.89
CAC H8U L . -6.96 -26.08 4.88
CAB H8U L . -7.92 -25.62 6.01
CAA H8U L . -7.08 -24.73 6.95
CAR H8U L . -5.77 -25.28 7.17
OAU H8U L . -5.31 -25.50 8.29
NAS H8U L . -5.01 -25.48 6.08
CAT H8U L . -3.62 -26.02 6.14
CAD H8U L . -5.73 -25.15 4.84
CAE H8U L . -6.07 -23.65 5.04
NAF H8U L . -6.93 -23.45 6.23
CAJ H8U L . -6.43 -22.52 7.26
CAK H8U L . -7.03 -23.01 8.59
CAL H8U L . -7.82 -24.28 8.24
CAQ H8U L . -7.82 -25.30 9.39
OAW H8U L . -9.17 -23.95 7.94
HAO H8U L . -5.09 -29.18 1.44
HBE H8U L . -4.20 -29.82 -2.53
HBD H8U L . -3.69 -28.38 -4.19
HBG H8U L . -4.31 -25.10 -5.07
HBH H8U L . -5.57 -26.33 -5.26
HBI H8U L . -3.87 -26.75 -5.56
HBJ H8U L . -2.80 -26.26 -2.03
HBK H8U L . -3.54 -24.74 -2.58
HBL H8U L . -2.45 -25.63 -3.66
HAY H8U L . -6.28 -24.23 -1.39
HAX H8U L . -6.49 -24.14 1.03
HAJ H8U L . -4.17 -25.94 3.78
HAI H8U L . -4.85 -24.48 3.10
HBM H8U L . -9.41 -27.01 3.42
HBN H8U L . -8.12 -28.15 3.85
HBO H8U L . -8.35 -27.66 2.16
HBQ H8U L . -8.96 -24.60 3.59
HBR H8U L . -8.64 -25.12 1.93
HBP H8U L . -7.50 -24.06 2.76
HAD H8U L . -6.63 -27.06 5.18
HAB H8U L . -8.76 -25.07 5.61
HAC H8U L . -8.28 -26.49 6.56
HAU H8U L . -3.28 -26.08 7.17
HAV H8U L . -2.95 -25.39 5.58
HAT H8U L . -3.59 -27.02 5.73
HAF H8U L . -5.13 -23.11 5.18
HAE H8U L . -6.56 -23.23 4.17
HAL H8U L . -5.34 -22.52 7.32
HAK H8U L . -6.78 -21.50 7.04
HAN H8U L . -6.23 -23.22 9.30
HAM H8U L . -7.70 -22.25 9.01
HAQ H8U L . -8.82 -25.33 9.83
HAR H8U L . -7.11 -25.01 10.16
HAS H8U L . -7.57 -26.28 9.02
HBS H8U L . -7.83 -23.12 5.93
C1 NAG M . -44.00 -4.99 7.11
C2 NAG M . -44.54 -6.00 8.13
C3 NAG M . -46.06 -6.19 8.00
C4 NAG M . -46.78 -4.84 7.84
C5 NAG M . -46.10 -3.95 6.81
C6 NAG M . -46.77 -2.58 6.70
C7 NAG M . -43.49 -8.07 8.99
C8 NAG M . -42.77 -9.34 8.65
N2 NAG M . -43.83 -7.27 7.97
O3 NAG M . -46.54 -6.84 9.15
O4 NAG M . -48.13 -5.10 7.46
O5 NAG M . -44.74 -3.79 7.16
O6 NAG M . -46.38 -1.76 7.79
O7 NAG M . -43.74 -7.83 10.18
H1 NAG M . -44.09 -5.43 6.11
H2 NAG M . -44.35 -5.60 9.12
H3 NAG M . -46.26 -6.80 7.12
H4 NAG M . -46.77 -4.33 8.80
H5 NAG M . -46.18 -4.43 5.83
H61 NAG M . -47.84 -2.69 6.69
H62 NAG M . -46.47 -2.10 5.77
H81 NAG M . -42.70 -9.47 7.57
H82 NAG M . -43.29 -10.20 9.08
H83 NAG M . -41.75 -9.30 9.05
HN2 NAG M . -43.60 -7.55 7.03
OAV H8U N . 21.10 -10.76 17.02
CAP H8U N . 20.52 -11.30 16.08
NAO H8U N . 21.12 -12.20 15.31
CAN H8U N . 20.27 -12.55 14.34
CBA H8U N . 20.51 -13.33 13.28
OBF H8U N . 21.77 -13.87 13.28
CBE H8U N . 22.27 -14.59 12.22
CBD H8U N . 21.81 -14.75 10.91
CBC H8U N . 20.65 -14.25 10.31
CBG H8U N . 20.31 -15.12 9.09
CBH H8U N . 20.87 -12.81 9.81
OBB H8U N . 19.52 -14.30 11.22
CAZ H8U N . 19.52 -13.54 12.35
CAY H8U N . 18.29 -12.91 12.54
CAX H8U N . 18.11 -12.09 13.66
CAM H8U N . 19.09 -11.92 14.54
CAH H8U N . 19.17 -11.14 15.73
CAI H8U N . 18.86 -9.68 15.43
CAG H8U N . 18.20 -11.57 16.91
CBI H8U N . 18.76 -12.76 17.69
CBJ H8U N . 16.78 -11.96 16.47
CAC H8U N . 18.29 -10.28 17.77
CAB H8U N . 17.31 -10.00 18.92
CAA H8U N . 17.00 -8.48 18.86
CAR H8U N . 18.17 -7.70 18.56
OAU H8U N . 18.56 -6.76 19.26
NAS H8U N . 18.82 -8.01 17.42
CAT H8U N . 20.05 -7.29 16.95
CAD H8U N . 18.19 -9.14 16.73
CAE H8U N . 16.73 -8.65 16.47
NAF H8U N . 16.04 -8.35 17.75
CAJ H8U N . 15.45 -7.01 17.90
CAK H8U N . 15.47 -6.71 19.41
CAL H8U N . 16.14 -7.95 20.04
CAQ H8U N . 16.92 -7.56 21.32
OAW H8U N . 15.13 -8.90 20.37
HAO H8U N . 22.08 -12.46 15.35
HBE H8U N . 23.21 -15.09 12.43
HBD H8U N . 22.44 -15.38 10.29
HBG H8U N . 19.57 -14.61 8.47
HBH H8U N . 19.91 -16.08 9.43
HBI H8U N . 21.21 -15.29 8.49
HBJ H8U N . 21.42 -12.24 10.55
HBK H8U N . 19.90 -12.33 9.64
HBL H8U N . 21.42 -12.82 8.88
HAY H8U N . 17.49 -13.04 11.83
HAX H8U N . 17.16 -11.60 13.80
HAJ H8U N . 19.69 -9.06 15.33
HAI H8U N . 18.11 -9.51 14.72
HBM H8U N . 17.97 -13.17 18.32
HBN H8U N . 19.58 -12.46 18.33
HBO H8U N . 19.08 -13.53 16.99
HBQ H8U N . 16.10 -11.98 17.32
HBR H8U N . 16.80 -12.96 16.04
HBP H8U N . 16.40 -11.28 15.72
HAD H8U N . 19.27 -10.24 18.22
HAB H8U N . 16.40 -10.59 18.83
HAC H8U N . 17.78 -10.23 19.88
HAU H8U N . 20.30 -6.47 17.62
HAV H8U N . 19.89 -6.90 15.96
HAT H8U N . 20.89 -7.99 16.93
HAF H8U N . 16.77 -7.74 15.87
HAE H8U N . 16.15 -9.38 15.94
HAL H8U N . 16.02 -6.26 17.37
HAK H8U N . 14.41 -7.01 17.53
HAN H8U N . 16.05 -5.81 19.60
HAM H8U N . 14.45 -6.60 19.79
HAQ H8U N . 16.32 -7.81 22.20
HAR H8U N . 17.13 -6.50 21.34
HAS H8U N . 17.85 -8.12 21.36
HBS H8U N . 15.31 -9.01 17.86
C1 NAG O . -18.97 -26.98 30.72
C2 NAG O . -18.43 -27.39 32.11
C3 NAG O . -19.43 -27.99 33.10
C4 NAG O . -20.89 -27.63 32.82
C5 NAG O . -21.14 -27.80 31.33
C6 NAG O . -22.61 -27.62 30.95
C7 NAG O . -16.08 -28.15 32.20
C8 NAG O . -15.12 -29.28 31.97
N2 NAG O . -17.37 -28.37 31.94
O3 NAG O . -19.11 -27.59 34.41
O4 NAG O . -21.72 -28.47 33.58
O5 NAG O . -20.37 -26.82 30.67
O6 NAG O . -23.03 -26.31 31.29
O7 NAG O . -15.64 -27.07 32.62
H1 NAG O . -18.68 -27.75 30.00
H2 NAG O . -18.03 -26.50 32.59
H3 NAG O . -19.40 -29.08 33.03
H4 NAG O . -21.04 -26.59 33.11
H5 NAG O . -20.83 -28.80 31.04
H61 NAG O . -23.21 -28.37 31.46
H62 NAG O . -22.73 -27.78 29.88
H81 NAG O . -15.60 -30.07 31.37
H82 NAG O . -14.80 -29.69 32.92
H83 NAG O . -14.26 -28.91 31.41
HN2 NAG O . -17.64 -29.28 31.58
#